data_8T4Z
#
_entry.id   8T4Z
#
_cell.length_a   57.906
_cell.length_b   79.036
_cell.length_c   242.373
_cell.angle_alpha   90.00
_cell.angle_beta   90.00
_cell.angle_gamma   90.00
#
_symmetry.space_group_name_H-M   'P 21 21 21'
#
loop_
_entity.id
_entity.type
_entity.pdbx_description
1 polymer 'Antigen-presenting glycoprotein CD1d1'
2 polymer Beta-2-microglobulin
3 polymer 'T cell receptor alpha variable 11, Human nkt tcr alpha chain chimera'
4 polymer 'Beta-chain, T cell receptor beta chain MC.7.G5 chimera'
5 branched beta-D-mannopyranose-(1-4)-2-acetamido-2-deoxy-beta-D-glucopyranose-(1-4)-2-acetamido-2-deoxy-beta-D-glucopyranose
6 branched 2-acetamido-2-deoxy-beta-D-glucopyranose-(1-4)-2-acetamido-2-deoxy-beta-D-glucopyranose
7 non-polymer N-[(2R,3R,4E)-1,3-dihydroxyoctadec-4-en-2-yl]tetracosanamide
8 water water
#
loop_
_entity_poly.entity_id
_entity_poly.type
_entity_poly.pdbx_seq_one_letter_code
_entity_poly.pdbx_strand_id
1 'polypeptide(L)'
;SEAQQKNYTFRCLQMSSFANRSWSRTDSVVWLGDLQTHRWSNDSATISFTKPWSQGKLSNQQWEKLQHMFQVYRVSFTRD
IQELVKMMSPKEDYPIEIQLSAGCEMYPGNASESFLHVAFQGKYVVRFWGTSWQTVPGAPSWLDLPIKVLNADQGTSATV
QMLLNDTCPLFVRGLLEAGKSDLEKQEKPVAWLSSVPSSAHGHRQLVCHVSGFYPKPVWVMWMRGDQEQQGTHRGDFLPN
ADETWYLQATLDVEAGEEAGLACRVKHSSLGGQDIILYWGSLHHILDAQKMVWNHRHHHHHH
;
A
2 'polypeptide(L)'
;IQKTPQIQVYSRHPPENGKPNILNCYVTQFHPPHIEIQMLKNGKKIPKVEMSDMSFSKDWSFYILAHTEFTPTETDTYAC
RVKHASMAEPKTVYWDRDM
;
B
3 'polypeptide(L)'
;TQVEQSPQSLVVRQGENSVLQCNYSVTPDNHLRWFKQDTGKGLVSLTVLVDQKDKTSNGRYSATLDKDAKHSTLHITATL
LDDTATYICVVGDRGSALGRLHFGAGTQLIVIPDIQNPDPAVYQLRDSKSSDKSVCLFTDFDSQTNVSQSKDSDVYITDK
CVLDMRSMDFKSNSAVAWSNKSDFACANAFNNSIIPEDTFFPSPESS
;
C
4 'polypeptide(L)'
;MEAAVTQSPRNKVAVTGGKVTLSCNQTNNHNNMYWYRQDTGHGLRLIHYSYGAGSTEKGDIPDGYKASRPSQENFSLILE
LATPSQTSVYFCASGDEGYTQYFGPGTRLLVLEDLKNVFPPEVAVFEPSEAEISHTQKATLVCLATGFYPDHVELSWWVN
GKEVHSGVCTDPQPLKEQPALNDSRYALSSRLRVSATFWQNPRNHFRCQVQFYGLSENDEWTQDRAKPVTQIVSAEAWGR
AD
;
D
#
# COMPACT_ATOMS: atom_id res chain seq x y z
N LYS A 6 -17.42 13.71 -35.07
CA LYS A 6 -16.57 12.69 -35.68
C LYS A 6 -15.18 13.27 -35.86
N ASN A 7 -14.93 14.45 -35.26
CA ASN A 7 -13.73 15.21 -35.60
C ASN A 7 -13.01 15.81 -34.40
N TYR A 8 -13.25 15.34 -33.17
CA TYR A 8 -12.51 15.85 -32.02
C TYR A 8 -12.15 14.74 -31.05
N THR A 9 -10.89 14.72 -30.62
CA THR A 9 -10.36 13.64 -29.82
C THR A 9 -9.62 14.20 -28.61
N PHE A 10 -9.93 13.66 -27.42
CA PHE A 10 -9.44 14.14 -26.15
C PHE A 10 -8.52 13.09 -25.55
N ARG A 11 -7.29 13.48 -25.20
CA ARG A 11 -6.26 12.52 -24.82
C ARG A 11 -5.59 12.97 -23.54
N CYS A 12 -5.67 12.14 -22.51
CA CYS A 12 -4.83 12.27 -21.33
C CYS A 12 -3.59 11.44 -21.58
N LEU A 13 -2.46 12.10 -21.75
CA LEU A 13 -1.20 11.39 -21.98
C LEU A 13 -0.40 11.45 -20.70
N GLN A 14 -0.35 10.33 -19.99
CA GLN A 14 0.50 10.20 -18.82
C GLN A 14 1.77 9.48 -19.26
N MET A 15 2.91 10.01 -18.85
CA MET A 15 4.18 9.31 -19.02
C MET A 15 4.86 9.22 -17.67
N SER A 16 5.17 7.98 -17.26
CA SER A 16 5.70 7.66 -15.94
C SER A 16 7.02 6.93 -16.10
N SER A 17 8.03 7.36 -15.36
CA SER A 17 9.39 6.80 -15.47
C SER A 17 9.86 6.23 -14.14
N PHE A 18 10.45 5.03 -14.19
CA PHE A 18 11.02 4.39 -13.00
C PHE A 18 12.47 4.01 -13.29
N ALA A 19 13.38 4.46 -12.44
CA ALA A 19 14.82 4.32 -12.66
C ALA A 19 15.46 3.26 -11.79
N ASN A 20 15.02 3.14 -10.54
CA ASN A 20 15.53 2.14 -9.61
C ASN A 20 14.41 1.89 -8.61
N ARG A 21 14.68 1.09 -7.59
CA ARG A 21 13.62 0.79 -6.63
C ARG A 21 13.16 2.04 -5.88
N SER A 22 13.81 3.20 -6.07
CA SER A 22 13.55 4.36 -5.24
C SER A 22 13.18 5.63 -6.00
N TRP A 23 13.50 5.74 -7.28
CA TRP A 23 13.35 7.00 -8.02
C TRP A 23 12.25 6.87 -9.08
N SER A 24 11.22 7.71 -8.97
CA SER A 24 10.14 7.77 -9.95
C SER A 24 9.74 9.21 -10.27
N ARG A 25 9.08 9.39 -11.42
CA ARG A 25 8.38 10.64 -11.72
C ARG A 25 7.28 10.36 -12.75
N THR A 26 6.21 11.15 -12.66
CA THR A 26 5.04 10.95 -13.52
C THR A 26 4.55 12.33 -13.91
N ASP A 27 4.50 12.56 -15.23
CA ASP A 27 4.11 13.84 -15.82
C ASP A 27 3.06 13.55 -16.88
N SER A 28 2.01 14.34 -16.88
CA SER A 28 0.91 14.18 -17.82
C SER A 28 0.69 15.48 -18.59
N VAL A 29 0.07 15.32 -19.75
CA VAL A 29 -0.42 16.43 -20.55
C VAL A 29 -1.75 16.00 -21.13
N VAL A 30 -2.54 16.98 -21.55
CA VAL A 30 -3.90 16.71 -21.98
C VAL A 30 -4.18 17.55 -23.22
N TRP A 31 -4.56 16.88 -24.32
CA TRP A 31 -4.87 17.52 -25.60
C TRP A 31 -6.35 17.43 -25.92
N LEU A 32 -6.85 18.46 -26.59
CA LEU A 32 -8.18 18.42 -27.20
C LEU A 32 -7.98 18.85 -28.65
N GLY A 33 -7.86 17.89 -29.56
CA GLY A 33 -7.44 18.23 -30.90
C GLY A 33 -5.94 18.48 -30.90
N ASP A 34 -5.52 19.55 -31.60
CA ASP A 34 -4.13 20.02 -31.57
C ASP A 34 -3.84 20.85 -30.33
N LEU A 35 -4.85 21.16 -29.51
CA LEU A 35 -4.75 22.19 -28.48
C LEU A 35 -4.49 21.56 -27.11
N GLN A 36 -3.31 21.81 -26.57
CA GLN A 36 -3.00 21.36 -25.23
C GLN A 36 -3.85 22.10 -24.23
N THR A 37 -4.36 21.37 -23.25
CA THR A 37 -5.36 21.93 -22.36
C THR A 37 -5.09 21.72 -20.88
N HIS A 38 -4.29 20.72 -20.49
CA HIS A 38 -3.79 20.67 -19.11
C HIS A 38 -2.35 20.20 -19.08
N ARG A 39 -1.69 20.53 -17.98
CA ARG A 39 -0.34 20.09 -17.67
C ARG A 39 -0.32 19.70 -16.19
N TRP A 40 0.47 18.68 -15.87
CA TRP A 40 0.64 18.28 -14.47
C TRP A 40 2.00 17.60 -14.33
N SER A 41 2.98 18.28 -13.75
CA SER A 41 4.29 17.68 -13.61
C SER A 41 4.43 17.03 -12.25
N ASN A 42 5.36 16.08 -12.17
CA ASN A 42 5.55 15.32 -10.95
C ASN A 42 5.75 16.24 -9.74
N ASP A 43 6.46 17.33 -9.90
CA ASP A 43 6.76 18.21 -8.78
C ASP A 43 5.61 19.16 -8.45
N SER A 44 4.49 19.08 -9.16
CA SER A 44 3.30 19.90 -8.88
C SER A 44 2.24 19.02 -8.21
N ALA A 45 1.79 19.42 -7.04
CA ALA A 45 0.71 18.68 -6.41
C ALA A 45 -0.63 18.86 -7.12
N THR A 46 -0.75 19.83 -8.03
CA THR A 46 -2.04 20.22 -8.56
C THR A 46 -2.01 20.29 -10.07
N ILE A 47 -3.10 19.84 -10.68
CA ILE A 47 -3.27 19.95 -12.11
C ILE A 47 -3.31 21.42 -12.51
N SER A 48 -2.81 21.70 -13.72
CA SER A 48 -2.60 23.07 -14.19
C SER A 48 -3.35 23.26 -15.49
N PHE A 49 -4.08 24.36 -15.59
CA PHE A 49 -4.79 24.70 -16.82
C PHE A 49 -3.85 25.41 -17.80
N THR A 50 -3.95 25.05 -19.08
CA THR A 50 -3.22 25.73 -20.14
C THR A 50 -4.11 26.55 -21.07
N LYS A 51 -5.43 26.46 -20.92
CA LYS A 51 -6.35 27.41 -21.52
C LYS A 51 -7.23 28.00 -20.42
N PRO A 52 -7.75 29.21 -20.63
CA PRO A 52 -8.69 29.76 -19.63
C PRO A 52 -10.01 29.02 -19.54
N TRP A 53 -10.20 27.96 -20.33
CA TRP A 53 -11.45 27.20 -20.30
C TRP A 53 -11.18 25.71 -20.01
N SER A 54 -10.01 25.39 -19.45
CA SER A 54 -9.62 24.01 -19.22
C SER A 54 -10.41 23.35 -18.09
N GLN A 55 -11.12 24.12 -17.27
CA GLN A 55 -12.05 23.50 -16.34
C GLN A 55 -13.32 23.03 -17.02
N GLY A 56 -13.49 23.34 -18.31
CA GLY A 56 -14.67 22.93 -19.02
C GLY A 56 -15.90 23.62 -18.46
N LYS A 57 -16.96 22.83 -18.27
CA LYS A 57 -18.21 23.35 -17.73
C LYS A 57 -18.50 22.75 -16.34
N LEU A 58 -17.47 22.30 -15.62
CA LEU A 58 -17.61 21.79 -14.26
C LEU A 58 -17.49 22.91 -13.23
N SER A 59 -18.22 22.74 -12.13
CA SER A 59 -18.06 23.65 -11.00
C SER A 59 -16.74 23.37 -10.29
N ASN A 60 -16.40 24.24 -9.35
CA ASN A 60 -15.14 24.04 -8.63
C ASN A 60 -15.26 22.86 -7.66
N GLN A 61 -16.44 22.66 -7.06
CA GLN A 61 -16.58 21.51 -6.18
C GLN A 61 -16.45 20.20 -6.95
N GLN A 62 -16.91 20.16 -8.21
CA GLN A 62 -16.74 18.90 -8.93
C GLN A 62 -15.36 18.78 -9.54
N TRP A 63 -14.79 19.88 -10.04
CA TRP A 63 -13.42 19.80 -10.55
C TRP A 63 -12.44 19.40 -9.45
N GLU A 64 -12.52 20.09 -8.29
CA GLU A 64 -11.57 19.77 -7.23
C GLU A 64 -11.70 18.32 -6.77
N LYS A 65 -12.89 17.72 -6.87
CA LYS A 65 -13.03 16.30 -6.51
C LYS A 65 -12.34 15.42 -7.56
N LEU A 66 -12.66 15.65 -8.83
CA LEU A 66 -11.90 15.02 -9.92
C LEU A 66 -10.40 15.16 -9.70
N GLN A 67 -9.92 16.39 -9.47
CA GLN A 67 -8.50 16.57 -9.14
C GLN A 67 -8.08 15.66 -7.98
N HIS A 68 -8.82 15.71 -6.86
CA HIS A 68 -8.38 14.96 -5.68
C HIS A 68 -8.28 13.47 -5.95
N MET A 69 -9.14 12.94 -6.81
CA MET A 69 -9.05 11.52 -7.11
C MET A 69 -7.79 11.21 -7.91
N PHE A 70 -7.46 12.03 -8.91
CA PHE A 70 -6.23 11.82 -9.69
C PHE A 70 -4.99 11.91 -8.81
N GLN A 71 -5.02 12.79 -7.80
CA GLN A 71 -3.88 12.87 -6.89
C GLN A 71 -3.71 11.57 -6.13
N VAL A 72 -4.81 10.99 -5.65
CA VAL A 72 -4.73 9.69 -5.03
C VAL A 72 -4.23 8.67 -6.05
N TYR A 73 -4.74 8.75 -7.28
CA TYR A 73 -4.33 7.80 -8.31
C TYR A 73 -2.84 7.89 -8.59
N ARG A 74 -2.33 9.11 -8.76
CA ARG A 74 -0.92 9.26 -9.10
C ARG A 74 -0.02 8.57 -8.08
N VAL A 75 -0.33 8.73 -6.79
CA VAL A 75 0.54 8.19 -5.75
C VAL A 75 0.41 6.68 -5.67
N SER A 76 -0.80 6.15 -5.94
CA SER A 76 -1.03 4.71 -5.83
C SER A 76 -0.42 3.96 -7.01
N PHE A 77 -0.59 4.50 -8.21
CA PHE A 77 0.05 3.93 -9.40
C PHE A 77 1.56 3.82 -9.23
N THR A 78 2.18 4.80 -8.56
CA THR A 78 3.60 4.69 -8.33
C THR A 78 3.94 3.47 -7.46
N ARG A 79 3.25 3.31 -6.32
CA ARG A 79 3.53 2.12 -5.52
C ARG A 79 3.17 0.85 -6.28
N ASP A 80 2.03 0.84 -6.96
CA ASP A 80 1.62 -0.38 -7.66
C ASP A 80 2.68 -0.85 -8.65
N ILE A 81 3.14 0.03 -9.54
CA ILE A 81 4.14 -0.42 -10.51
C ILE A 81 5.36 -0.93 -9.78
N GLN A 82 5.77 -0.24 -8.70
CA GLN A 82 6.92 -0.70 -7.93
C GLN A 82 6.66 -2.07 -7.30
N GLU A 83 5.42 -2.33 -6.86
CA GLU A 83 5.11 -3.64 -6.30
C GLU A 83 5.07 -4.69 -7.40
N LEU A 84 4.55 -4.33 -8.58
CA LEU A 84 4.56 -5.28 -9.69
C LEU A 84 5.98 -5.63 -10.11
N VAL A 85 6.92 -4.71 -9.97
CA VAL A 85 8.30 -5.02 -10.30
C VAL A 85 8.90 -5.99 -9.28
N LYS A 86 8.53 -5.85 -8.00
CA LYS A 86 8.96 -6.85 -7.02
C LYS A 86 8.31 -8.19 -7.30
N MET A 87 7.06 -8.17 -7.76
CA MET A 87 6.38 -9.41 -8.10
C MET A 87 7.07 -10.14 -9.24
N MET A 88 7.59 -9.41 -10.22
CA MET A 88 8.17 -10.07 -11.38
C MET A 88 9.66 -10.30 -11.26
N SER A 89 10.29 -9.81 -10.20
CA SER A 89 11.75 -9.87 -10.06
C SER A 89 12.28 -11.30 -10.07
N PRO A 90 13.44 -11.52 -10.73
CA PRO A 90 14.18 -10.51 -11.51
C PRO A 90 13.91 -10.53 -13.02
N LYS A 91 12.67 -10.82 -13.43
CA LYS A 91 12.38 -10.97 -14.85
C LYS A 91 12.38 -9.62 -15.56
N GLU A 92 11.51 -8.70 -15.12
CA GLU A 92 11.57 -7.30 -15.51
C GLU A 92 12.21 -6.49 -14.39
N ASP A 93 12.91 -5.43 -14.79
CA ASP A 93 13.60 -4.58 -13.82
C ASP A 93 13.80 -3.19 -14.42
N TYR A 94 14.26 -2.28 -13.56
CA TYR A 94 14.49 -0.90 -13.93
C TYR A 94 15.75 -0.78 -14.82
N PRO A 95 15.79 0.25 -15.68
CA PRO A 95 14.79 1.32 -15.91
C PRO A 95 13.52 0.81 -16.58
N ILE A 96 12.40 1.42 -16.18
CA ILE A 96 11.08 1.05 -16.67
C ILE A 96 10.35 2.32 -17.02
N GLU A 97 9.72 2.32 -18.20
CA GLU A 97 8.96 3.48 -18.65
C GLU A 97 7.57 3.00 -19.01
N ILE A 98 6.56 3.73 -18.54
CA ILE A 98 5.16 3.38 -18.77
C ILE A 98 4.41 4.62 -19.22
N GLN A 99 3.55 4.43 -20.23
CA GLN A 99 2.77 5.49 -20.83
C GLN A 99 1.31 5.07 -20.83
N LEU A 100 0.45 5.97 -20.40
CA LEU A 100 -0.99 5.79 -20.45
C LEU A 100 -1.55 6.80 -21.44
N SER A 101 -2.47 6.34 -22.29
CA SER A 101 -3.24 7.25 -23.13
C SER A 101 -4.71 6.97 -22.92
N ALA A 102 -5.43 7.95 -22.40
CA ALA A 102 -6.83 7.75 -22.04
C ALA A 102 -7.66 8.96 -22.45
N GLY A 103 -8.89 8.70 -22.88
CA GLY A 103 -9.82 9.78 -23.18
C GLY A 103 -10.96 9.29 -24.06
N CYS A 104 -11.51 10.23 -24.83
CA CYS A 104 -12.63 9.89 -25.69
C CYS A 104 -12.60 10.76 -26.94
N GLU A 105 -12.64 10.10 -28.11
CA GLU A 105 -13.03 10.79 -29.33
C GLU A 105 -14.54 10.91 -29.34
N MET A 106 -15.06 11.94 -30.00
CA MET A 106 -16.48 12.21 -29.88
C MET A 106 -17.10 12.53 -31.23
N TYR A 107 -18.06 11.70 -31.61
CA TYR A 107 -18.74 11.74 -32.89
C TYR A 107 -19.99 12.60 -32.72
N PRO A 108 -20.77 12.89 -33.81
CA PRO A 108 -21.94 13.71 -33.50
C PRO A 108 -23.15 12.90 -32.99
N ASN A 110 -25.01 12.76 -29.82
CA ASN A 110 -24.48 12.23 -28.56
C ASN A 110 -23.77 10.89 -28.76
N ALA A 111 -22.64 10.89 -29.44
CA ALA A 111 -21.89 9.66 -29.71
C ALA A 111 -20.50 9.76 -29.11
N SER A 112 -20.10 8.72 -28.37
CA SER A 112 -18.77 8.63 -27.77
C SER A 112 -18.22 7.22 -27.98
N GLU A 113 -16.92 7.15 -28.23
CA GLU A 113 -16.13 5.95 -27.96
C GLU A 113 -14.97 6.35 -27.06
N SER A 114 -14.65 5.51 -26.07
CA SER A 114 -13.62 5.86 -25.10
C SER A 114 -12.55 4.78 -25.07
N PHE A 115 -11.38 5.14 -24.54
CA PHE A 115 -10.22 4.27 -24.65
C PHE A 115 -9.27 4.51 -23.49
N LEU A 116 -8.51 3.47 -23.16
CA LEU A 116 -7.43 3.60 -22.20
C LEU A 116 -6.39 2.54 -22.57
N HIS A 117 -5.22 3.01 -23.02
CA HIS A 117 -4.18 2.17 -23.59
C HIS A 117 -2.88 2.40 -22.82
N VAL A 118 -2.15 1.31 -22.55
CA VAL A 118 -0.90 1.37 -21.82
C VAL A 118 0.23 0.85 -22.68
N ALA A 119 1.39 1.47 -22.55
CA ALA A 119 2.59 1.04 -23.27
C ALA A 119 3.67 0.74 -22.26
N PHE A 120 4.30 -0.41 -22.38
CA PHE A 120 5.39 -0.81 -21.50
C PHE A 120 6.69 -0.85 -22.30
N GLN A 121 7.63 0.00 -21.93
CA GLN A 121 8.86 0.20 -22.70
C GLN A 121 8.54 0.47 -24.17
N GLY A 122 7.63 1.40 -24.39
CA GLY A 122 7.37 1.89 -25.73
C GLY A 122 6.52 1.02 -26.63
N LYS A 123 6.14 -0.18 -26.20
CA LYS A 123 5.24 -1.03 -26.96
C LYS A 123 3.88 -1.03 -26.30
N TYR A 124 2.84 -0.76 -27.10
CA TYR A 124 1.46 -0.93 -26.66
C TYR A 124 1.22 -2.37 -26.26
N VAL A 125 0.63 -2.55 -25.08
CA VAL A 125 0.65 -3.88 -24.50
C VAL A 125 -0.66 -4.20 -23.77
N VAL A 126 -1.29 -3.21 -23.14
CA VAL A 126 -2.46 -3.46 -22.31
C VAL A 126 -3.48 -2.34 -22.45
N ARG A 127 -4.75 -2.73 -22.48
CA ARG A 127 -5.87 -1.80 -22.49
C ARG A 127 -6.90 -2.22 -21.46
N PHE A 128 -7.74 -1.26 -21.10
CA PHE A 128 -8.95 -1.51 -20.35
C PHE A 128 -10.09 -1.61 -21.35
N TRP A 129 -10.83 -2.71 -21.29
CA TRP A 129 -11.88 -2.92 -22.27
C TRP A 129 -13.05 -3.56 -21.57
N GLY A 130 -14.22 -2.94 -21.69
CA GLY A 130 -15.42 -3.45 -21.08
C GLY A 130 -15.35 -3.34 -19.58
N THR A 131 -14.91 -4.41 -18.91
CA THR A 131 -14.90 -4.49 -17.47
C THR A 131 -13.50 -4.62 -16.86
N SER A 132 -12.51 -5.08 -17.61
CA SER A 132 -11.23 -5.42 -17.01
C SER A 132 -10.09 -4.93 -17.87
N TRP A 133 -8.91 -4.92 -17.26
CA TRP A 133 -7.68 -4.83 -18.02
C TRP A 133 -7.48 -6.12 -18.79
N GLN A 134 -7.18 -6.02 -20.07
CA GLN A 134 -6.85 -7.19 -20.86
C GLN A 134 -5.55 -6.92 -21.61
N THR A 135 -4.84 -8.01 -21.88
CA THR A 135 -3.57 -7.97 -22.58
C THR A 135 -3.85 -8.13 -24.08
N VAL A 136 -3.24 -7.28 -24.89
CA VAL A 136 -3.54 -7.24 -26.33
C VAL A 136 -2.88 -8.38 -27.09
N PRO A 137 -3.30 -8.66 -28.32
CA PRO A 137 -2.60 -9.68 -29.11
C PRO A 137 -1.15 -9.28 -29.32
N GLY A 138 -0.26 -10.27 -29.16
CA GLY A 138 1.16 -10.03 -29.29
C GLY A 138 1.81 -9.49 -28.04
N ALA A 139 1.07 -9.37 -26.96
CA ALA A 139 1.66 -8.87 -25.74
C ALA A 139 2.36 -10.02 -25.02
N PRO A 140 3.48 -9.72 -24.33
CA PRO A 140 4.27 -10.79 -23.74
C PRO A 140 3.50 -11.57 -22.67
N SER A 141 3.66 -12.89 -22.69
CA SER A 141 2.88 -13.74 -21.80
C SER A 141 3.09 -13.39 -20.34
N TRP A 142 4.28 -12.91 -19.96
CA TRP A 142 4.57 -12.71 -18.54
C TRP A 142 3.66 -11.68 -17.90
N LEU A 143 3.05 -10.79 -18.69
CA LEU A 143 2.09 -9.84 -18.16
C LEU A 143 0.82 -10.49 -17.62
N ASP A 144 0.59 -11.78 -17.88
CA ASP A 144 -0.68 -12.39 -17.47
C ASP A 144 -0.92 -12.19 -15.98
N LEU A 145 0.04 -12.60 -15.15
CA LEU A 145 -0.09 -12.48 -13.69
C LEU A 145 -0.36 -11.04 -13.24
N PRO A 146 0.46 -10.03 -13.60
CA PRO A 146 0.14 -8.65 -13.21
C PRO A 146 -1.29 -8.24 -13.55
N ILE A 147 -1.77 -8.59 -14.74
CA ILE A 147 -3.15 -8.28 -15.08
C ILE A 147 -4.10 -9.03 -14.16
N LYS A 148 -3.76 -10.26 -13.74
CA LYS A 148 -4.58 -10.97 -12.77
C LYS A 148 -4.69 -10.20 -11.47
N VAL A 149 -3.57 -9.60 -11.00
CA VAL A 149 -3.62 -8.96 -9.69
C VAL A 149 -4.33 -7.61 -9.78
N LEU A 150 -4.17 -6.87 -10.89
CA LEU A 150 -4.85 -5.57 -11.00
C LEU A 150 -6.34 -5.74 -11.23
N ASN A 151 -6.73 -6.83 -11.91
CA ASN A 151 -8.14 -7.07 -12.09
C ASN A 151 -8.81 -7.66 -10.86
N ALA A 152 -8.03 -8.09 -9.86
CA ALA A 152 -8.64 -8.41 -8.58
C ALA A 152 -9.28 -7.18 -7.93
N ASP A 153 -8.67 -6.00 -8.11
CA ASP A 153 -9.19 -4.77 -7.55
C ASP A 153 -10.49 -4.33 -8.22
N GLN A 154 -11.63 -4.81 -7.72
CA GLN A 154 -12.94 -4.44 -8.26
C GLN A 154 -13.24 -2.96 -8.12
N GLY A 155 -12.73 -2.30 -7.07
CA GLY A 155 -12.99 -0.87 -6.90
C GLY A 155 -12.40 -0.03 -8.03
N THR A 156 -11.13 -0.25 -8.37
CA THR A 156 -10.55 0.55 -9.43
C THR A 156 -11.21 0.25 -10.76
N SER A 157 -11.65 -1.00 -10.94
CA SER A 157 -12.40 -1.32 -12.14
C SER A 157 -13.72 -0.56 -12.17
N ALA A 158 -14.31 -0.32 -11.01
CA ALA A 158 -15.59 0.37 -10.99
C ALA A 158 -15.41 1.83 -11.34
N THR A 159 -14.34 2.46 -10.82
CA THR A 159 -14.14 3.88 -11.06
C THR A 159 -13.64 4.14 -12.48
N VAL A 160 -12.70 3.34 -12.98
CA VAL A 160 -12.28 3.47 -14.37
C VAL A 160 -13.49 3.33 -15.30
N GLN A 161 -14.33 2.34 -15.04
CA GLN A 161 -15.56 2.22 -15.82
C GLN A 161 -16.37 3.50 -15.79
N MET A 162 -16.55 4.10 -14.60
CA MET A 162 -17.23 5.39 -14.55
C MET A 162 -16.47 6.44 -15.35
N LEU A 163 -15.14 6.45 -15.24
CA LEU A 163 -14.40 7.56 -15.83
C LEU A 163 -14.42 7.51 -17.34
N LEU A 164 -14.53 6.32 -17.93
CA LEU A 164 -14.60 6.27 -19.36
C LEU A 164 -16.04 6.36 -19.87
N ASN A 165 -16.95 5.61 -19.25
CA ASN A 165 -18.28 5.53 -19.86
C ASN A 165 -19.07 6.82 -19.67
N ASP A 166 -18.91 7.52 -18.54
CA ASP A 166 -19.79 8.64 -18.26
C ASP A 166 -19.05 9.96 -18.07
N THR A 167 -18.07 10.05 -17.17
CA THR A 167 -17.52 11.37 -16.92
C THR A 167 -16.67 11.90 -18.08
N CYS A 168 -16.01 11.04 -18.87
CA CYS A 168 -15.26 11.56 -20.01
C CYS A 168 -16.14 12.31 -20.99
N PRO A 169 -17.17 11.70 -21.59
CA PRO A 169 -18.00 12.45 -22.55
C PRO A 169 -18.58 13.71 -21.92
N LEU A 170 -19.28 13.53 -20.81
CA LEU A 170 -19.78 14.57 -19.93
C LEU A 170 -18.86 15.78 -19.89
N PHE A 171 -17.63 15.55 -19.43
CA PHE A 171 -16.64 16.61 -19.35
C PHE A 171 -16.35 17.21 -20.72
N VAL A 172 -15.99 16.34 -21.68
CA VAL A 172 -15.45 16.83 -22.93
C VAL A 172 -16.51 17.59 -23.72
N ARG A 173 -17.80 17.26 -23.56
CA ARG A 173 -18.82 18.06 -24.23
C ARG A 173 -18.83 19.48 -23.67
N GLY A 174 -18.73 19.59 -22.33
CA GLY A 174 -18.58 20.91 -21.74
C GLY A 174 -17.34 21.63 -22.25
N LEU A 175 -16.21 20.91 -22.27
CA LEU A 175 -14.98 21.46 -22.81
C LEU A 175 -15.15 21.92 -24.26
N LEU A 176 -15.96 21.22 -25.05
CA LEU A 176 -16.11 21.61 -26.44
C LEU A 176 -16.84 22.94 -26.56
N GLU A 177 -17.87 23.16 -25.72
CA GLU A 177 -18.56 24.44 -25.76
C GLU A 177 -17.69 25.54 -25.17
N ALA A 178 -16.87 25.20 -24.17
CA ALA A 178 -16.16 26.22 -23.41
C ALA A 178 -15.05 26.85 -24.23
N GLY A 179 -14.34 26.06 -25.06
CA GLY A 179 -13.33 26.59 -25.96
C GLY A 179 -13.69 26.60 -27.45
N LYS A 180 -14.91 27.02 -27.79
CA LYS A 180 -15.33 27.00 -29.20
C LYS A 180 -14.45 27.90 -30.04
N SER A 181 -14.29 29.16 -29.61
CA SER A 181 -13.67 30.18 -30.44
C SER A 181 -12.19 29.86 -30.69
N ASP A 182 -11.54 29.18 -29.75
CA ASP A 182 -10.15 28.78 -29.97
C ASP A 182 -10.07 27.56 -30.88
N LEU A 183 -10.98 26.60 -30.74
CA LEU A 183 -10.91 25.42 -31.59
C LEU A 183 -11.25 25.78 -33.03
N GLU A 184 -12.02 26.83 -33.23
CA GLU A 184 -12.38 27.31 -34.55
C GLU A 184 -11.55 28.50 -34.99
N LYS A 185 -10.54 28.89 -34.21
CA LYS A 185 -9.71 30.03 -34.59
C LYS A 185 -9.04 29.74 -35.93
N GLN A 186 -8.91 30.80 -36.75
CA GLN A 186 -8.40 30.73 -38.11
C GLN A 186 -7.17 31.63 -38.22
N GLU A 187 -6.00 31.03 -38.37
CA GLU A 187 -4.76 31.76 -38.55
C GLU A 187 -4.29 31.57 -39.98
N LYS A 188 -4.06 32.68 -40.69
CA LYS A 188 -3.66 32.63 -42.12
C LYS A 188 -2.24 32.10 -42.27
N PRO A 189 -2.00 31.15 -43.17
CA PRO A 189 -0.62 30.73 -43.46
C PRO A 189 0.11 31.78 -44.27
N VAL A 190 1.43 31.73 -44.21
CA VAL A 190 2.23 32.46 -45.19
C VAL A 190 3.31 31.52 -45.71
N ALA A 191 3.74 31.77 -46.94
CA ALA A 191 4.67 30.88 -47.63
C ALA A 191 5.88 31.67 -48.14
N TRP A 192 7.03 31.01 -48.23
CA TRP A 192 8.16 31.58 -48.94
C TRP A 192 8.81 30.46 -49.72
N LEU A 193 9.79 30.79 -50.55
CA LEU A 193 10.42 29.79 -51.40
C LEU A 193 11.89 29.68 -51.05
N SER A 194 12.47 28.53 -51.37
CA SER A 194 13.91 28.36 -51.31
C SER A 194 14.25 27.12 -52.15
N SER A 195 15.54 26.84 -52.27
CA SER A 195 16.06 25.80 -53.16
C SER A 195 17.33 25.26 -52.55
N VAL A 196 17.61 23.99 -52.86
CA VAL A 196 18.74 23.26 -52.30
C VAL A 196 19.27 22.33 -53.39
N PRO A 197 20.53 21.92 -53.35
CA PRO A 197 20.96 20.81 -54.22
C PRO A 197 20.14 19.56 -53.95
N SER A 198 19.68 18.93 -55.02
CA SER A 198 19.19 17.56 -54.94
C SER A 198 20.39 16.64 -54.75
N SER A 199 20.15 15.47 -54.18
CA SER A 199 21.24 14.51 -54.13
C SER A 199 21.52 13.90 -55.49
N ALA A 200 20.65 14.13 -56.46
CA ALA A 200 20.87 13.70 -57.84
C ALA A 200 21.65 14.78 -58.58
N HIS A 201 22.73 14.38 -59.23
CA HIS A 201 23.62 15.33 -59.89
C HIS A 201 22.87 16.09 -60.95
N GLY A 202 22.88 17.41 -60.85
CA GLY A 202 22.24 18.26 -61.82
C GLY A 202 20.85 18.69 -61.46
N HIS A 203 20.31 18.22 -60.37
CA HIS A 203 18.94 18.56 -60.03
C HIS A 203 18.94 19.57 -58.90
N ARG A 204 17.76 20.10 -58.61
CA ARG A 204 17.55 20.99 -57.49
C ARG A 204 16.29 20.57 -56.77
N GLN A 205 16.28 20.74 -55.46
CA GLN A 205 15.08 20.52 -54.66
C GLN A 205 14.52 21.89 -54.30
N LEU A 206 13.37 22.22 -54.91
CA LEU A 206 12.63 23.42 -54.56
C LEU A 206 11.81 23.18 -53.32
N VAL A 207 11.63 24.22 -52.52
CA VAL A 207 11.05 24.08 -51.19
C VAL A 207 10.04 25.20 -51.03
N CYS A 208 8.78 24.85 -50.97
CA CYS A 208 7.74 25.80 -50.61
C CYS A 208 7.52 25.69 -49.09
N HIS A 209 8.01 26.68 -48.37
CA HIS A 209 7.74 26.76 -46.95
C HIS A 209 6.34 27.28 -46.72
N VAL A 210 5.62 26.69 -45.75
CA VAL A 210 4.31 27.20 -45.35
C VAL A 210 4.21 27.18 -43.82
N SER A 211 3.90 28.32 -43.22
CA SER A 211 3.95 28.38 -41.77
C SER A 211 2.85 29.31 -41.27
N GLY A 212 2.30 28.98 -40.10
CA GLY A 212 1.41 29.86 -39.40
C GLY A 212 -0.07 29.62 -39.61
N PHE A 213 -0.48 28.42 -40.01
CA PHE A 213 -1.89 28.17 -40.28
C PHE A 213 -2.53 27.36 -39.16
N TYR A 214 -3.77 27.72 -38.85
CA TYR A 214 -4.59 26.94 -37.95
C TYR A 214 -6.01 27.05 -38.50
N PRO A 215 -6.77 25.95 -38.47
CA PRO A 215 -6.37 24.60 -38.05
C PRO A 215 -5.45 23.91 -39.05
N LYS A 216 -5.29 22.61 -38.88
CA LYS A 216 -4.27 21.78 -39.52
C LYS A 216 -4.50 21.42 -40.98
N PRO A 217 -5.72 21.18 -41.44
CA PRO A 217 -5.91 20.87 -42.86
C PRO A 217 -5.38 21.96 -43.78
N VAL A 218 -4.67 21.53 -44.82
CA VAL A 218 -4.00 22.44 -45.74
C VAL A 218 -3.72 21.70 -47.03
N TRP A 219 -3.37 22.44 -48.08
CA TRP A 219 -3.12 21.89 -49.40
C TRP A 219 -1.99 22.70 -50.03
N VAL A 220 -0.96 22.01 -50.51
CA VAL A 220 0.24 22.65 -51.07
C VAL A 220 0.66 21.88 -52.31
N MET A 221 0.58 22.50 -53.48
CA MET A 221 1.05 21.82 -54.68
C MET A 221 1.96 22.73 -55.48
N TRP A 222 3.05 22.17 -55.99
CA TRP A 222 3.83 22.80 -57.04
C TRP A 222 3.10 22.64 -58.37
N MET A 223 2.88 23.76 -59.05
CA MET A 223 2.07 23.79 -60.25
C MET A 223 2.83 24.37 -61.43
N ARG A 224 2.62 23.77 -62.60
CA ARG A 224 3.01 24.35 -63.88
C ARG A 224 1.68 24.63 -64.58
N GLY A 225 1.15 25.83 -64.35
CA GLY A 225 -0.11 26.23 -64.95
C GLY A 225 -1.32 25.55 -64.33
N ASP A 226 -1.94 24.66 -65.09
CA ASP A 226 -3.09 23.88 -64.64
C ASP A 226 -2.70 22.48 -64.16
N GLN A 227 -1.40 22.14 -64.27
CA GLN A 227 -0.90 20.79 -64.05
C GLN A 227 -0.23 20.71 -62.69
N GLU A 228 -0.89 20.05 -61.74
CA GLU A 228 -0.25 19.70 -60.48
C GLU A 228 1.00 18.86 -60.78
N GLN A 229 2.13 19.31 -60.25
CA GLN A 229 3.38 18.57 -60.41
C GLN A 229 3.37 17.39 -59.44
N GLN A 230 3.58 16.18 -59.94
CA GLN A 230 3.23 15.06 -59.09
C GLN A 230 4.42 14.41 -58.41
N GLY A 231 5.62 14.95 -58.60
CA GLY A 231 6.72 14.74 -57.71
C GLY A 231 6.66 15.62 -56.50
N THR A 232 5.61 16.43 -56.36
CA THR A 232 5.41 17.28 -55.18
C THR A 232 5.37 16.41 -53.94
N HIS A 233 6.39 16.51 -53.10
CA HIS A 233 6.48 15.72 -51.87
C HIS A 233 6.05 16.55 -50.67
N ARG A 234 4.96 16.15 -50.02
CA ARG A 234 4.43 16.90 -48.89
C ARG A 234 5.24 16.56 -47.64
N GLY A 235 5.49 17.54 -46.78
CA GLY A 235 6.24 17.28 -45.57
C GLY A 235 5.38 16.77 -44.39
N ASP A 236 6.06 16.55 -43.26
CA ASP A 236 5.39 16.36 -41.97
C ASP A 236 4.89 17.68 -41.44
N PHE A 237 3.78 17.64 -40.71
CA PHE A 237 3.35 18.85 -40.02
C PHE A 237 4.28 19.11 -38.85
N LEU A 238 4.77 20.33 -38.75
CA LEU A 238 5.61 20.66 -37.63
C LEU A 238 4.97 21.79 -36.83
N PRO A 239 5.04 21.75 -35.51
CA PRO A 239 4.35 22.77 -34.71
C PRO A 239 5.16 24.04 -34.55
N ASN A 240 4.42 25.13 -34.45
CA ASN A 240 4.96 26.38 -33.94
C ASN A 240 4.60 26.51 -32.47
N ALA A 241 5.37 27.35 -31.76
CA ALA A 241 5.17 27.60 -30.34
C ALA A 241 3.90 28.39 -30.05
N ASP A 242 3.19 28.84 -31.07
CA ASP A 242 1.95 29.60 -30.88
C ASP A 242 0.74 28.82 -31.35
N GLU A 243 0.83 27.50 -31.39
CA GLU A 243 -0.29 26.64 -31.78
C GLU A 243 -0.75 26.94 -33.20
N THR A 244 0.19 27.30 -34.06
CA THR A 244 0.01 27.27 -35.51
C THR A 244 0.89 26.16 -36.05
N TRP A 245 0.70 25.86 -37.33
CA TRP A 245 1.39 24.74 -37.95
C TRP A 245 2.35 25.22 -39.02
N TYR A 246 3.22 24.29 -39.44
CA TYR A 246 4.28 24.55 -40.39
C TYR A 246 4.48 23.31 -41.23
N LEU A 247 4.80 23.53 -42.50
CA LEU A 247 4.79 22.44 -43.46
C LEU A 247 5.48 22.89 -44.73
N GLN A 248 6.34 22.05 -45.28
CA GLN A 248 6.97 22.39 -46.53
C GLN A 248 6.60 21.37 -47.59
N ALA A 249 6.61 21.80 -48.83
CA ALA A 249 6.43 20.86 -49.94
C ALA A 249 7.55 21.07 -50.93
N THR A 250 8.14 19.97 -51.37
CA THR A 250 9.33 20.02 -52.16
C THR A 250 9.03 19.43 -53.52
N LEU A 251 9.89 19.78 -54.47
CA LEU A 251 9.78 19.28 -55.83
C LEU A 251 11.18 19.24 -56.40
N ASP A 252 11.57 18.10 -56.93
CA ASP A 252 12.91 17.87 -57.45
C ASP A 252 12.84 18.15 -58.95
N VAL A 253 13.49 19.22 -59.39
CA VAL A 253 13.53 19.58 -60.81
C VAL A 253 14.95 19.43 -61.33
N GLU A 254 15.08 19.40 -62.65
CA GLU A 254 16.39 19.58 -63.28
C GLU A 254 16.75 21.05 -63.33
N ALA A 255 18.05 21.35 -63.22
CA ALA A 255 18.47 22.75 -63.16
C ALA A 255 18.09 23.45 -64.44
N GLY A 256 17.52 24.65 -64.31
CA GLY A 256 16.95 25.37 -65.44
C GLY A 256 15.46 25.15 -65.65
N GLU A 257 14.89 24.12 -65.06
CA GLU A 257 13.49 23.78 -65.26
C GLU A 257 12.56 24.49 -64.27
N GLU A 258 13.09 25.40 -63.45
CA GLU A 258 12.26 26.04 -62.42
C GLU A 258 11.23 26.99 -63.01
N ALA A 259 11.62 27.81 -63.98
CA ALA A 259 10.77 28.90 -64.44
C ALA A 259 9.40 28.40 -64.91
N GLY A 260 8.33 29.02 -64.40
CA GLY A 260 6.99 28.61 -64.69
C GLY A 260 6.33 27.85 -63.56
N LEU A 261 7.13 27.17 -62.73
CA LEU A 261 6.61 26.52 -61.54
C LEU A 261 6.12 27.55 -60.52
N ALA A 262 4.93 27.32 -59.99
CA ALA A 262 4.43 28.06 -58.84
C ALA A 262 4.07 27.09 -57.74
N CYS A 263 4.15 27.56 -56.52
CA CYS A 263 3.62 26.85 -55.35
C CYS A 263 2.25 27.44 -55.01
N ARG A 264 1.23 26.60 -54.91
CA ARG A 264 -0.09 27.06 -54.54
C ARG A 264 -0.51 26.49 -53.18
N VAL A 265 -1.17 27.31 -52.36
CA VAL A 265 -1.64 26.91 -51.04
C VAL A 265 -3.13 27.20 -50.92
N LYS A 266 -3.92 26.20 -50.53
CA LYS A 266 -5.32 26.39 -50.15
C LYS A 266 -5.49 26.11 -48.65
N HIS A 267 -6.24 26.98 -47.96
CA HIS A 267 -6.47 26.81 -46.54
C HIS A 267 -7.81 27.43 -46.18
N SER A 268 -8.41 26.93 -45.10
CA SER A 268 -9.72 27.43 -44.67
C SER A 268 -9.71 28.93 -44.42
N SER A 269 -8.58 29.46 -43.95
CA SER A 269 -8.55 30.83 -43.45
C SER A 269 -8.45 31.86 -44.55
N LEU A 270 -8.48 31.45 -45.81
CA LEU A 270 -8.28 32.36 -46.93
C LEU A 270 -9.56 32.63 -47.69
N GLY A 271 -10.68 32.04 -47.29
CA GLY A 271 -11.79 31.94 -48.22
C GLY A 271 -11.35 31.07 -49.37
N GLY A 272 -11.53 31.59 -50.60
CA GLY A 272 -10.99 30.96 -51.78
C GLY A 272 -9.82 31.70 -52.40
N GLN A 273 -9.22 32.66 -51.70
CA GLN A 273 -8.14 33.48 -52.27
C GLN A 273 -6.80 32.79 -51.98
N ASP A 274 -6.48 31.77 -52.77
CA ASP A 274 -5.29 30.96 -52.53
C ASP A 274 -4.02 31.81 -52.64
N ILE A 275 -2.99 31.44 -51.86
CA ILE A 275 -1.66 32.04 -51.99
C ILE A 275 -0.88 31.34 -53.11
N ILE A 276 -0.15 32.13 -53.92
CA ILE A 276 0.60 31.61 -55.06
C ILE A 276 1.94 32.34 -55.19
N LEU A 277 3.04 31.58 -55.16
CA LEU A 277 4.37 32.12 -55.33
C LEU A 277 4.91 31.60 -56.66
N TYR A 278 5.17 32.49 -57.61
CA TYR A 278 5.79 32.06 -58.85
C TYR A 278 7.28 32.10 -58.63
N TRP A 279 7.98 31.05 -59.09
CA TRP A 279 9.41 30.92 -58.84
C TRP A 279 10.17 32.13 -59.37
N GLY A 280 10.05 32.43 -60.65
CA GLY A 280 10.96 33.46 -61.11
C GLY A 280 10.58 34.89 -60.80
N SER A 281 9.46 35.09 -60.12
CA SER A 281 8.83 36.41 -60.05
C SER A 281 9.77 37.43 -59.43
N LEU A 282 9.42 38.72 -59.57
CA LEU A 282 10.16 39.76 -58.89
C LEU A 282 9.99 39.68 -57.39
N HIS A 283 8.80 39.33 -56.91
CA HIS A 283 8.59 39.21 -55.48
C HIS A 283 9.56 38.19 -54.87
N HIS A 284 9.67 36.99 -55.47
CA HIS A 284 10.55 35.94 -54.97
C HIS A 284 12.00 36.43 -54.93
N ILE A 285 12.45 37.09 -56.01
CA ILE A 285 13.81 37.60 -56.10
C ILE A 285 14.11 38.54 -54.95
N LEU A 286 13.15 39.40 -54.59
CA LEU A 286 13.36 40.32 -53.48
C LEU A 286 13.36 39.58 -52.13
N ASP A 287 12.41 38.66 -51.95
CA ASP A 287 12.42 37.83 -50.75
C ASP A 287 13.74 37.07 -50.63
N ALA A 288 14.30 36.67 -51.77
CA ALA A 288 15.50 35.83 -51.76
C ALA A 288 16.74 36.59 -51.30
N GLN A 289 16.92 37.85 -51.74
CA GLN A 289 18.14 38.54 -51.32
C GLN A 289 18.03 39.13 -49.92
N LYS A 290 16.91 38.95 -49.22
CA LYS A 290 16.84 39.29 -47.81
C LYS A 290 17.25 38.13 -46.92
N MET A 291 17.41 36.93 -47.48
CA MET A 291 17.80 35.76 -46.70
C MET A 291 19.09 35.12 -47.23
N VAL A 292 19.88 35.82 -48.05
CA VAL A 292 21.21 35.31 -48.42
C VAL A 292 22.07 35.15 -47.17
N TRP A 293 23.07 34.28 -47.26
CA TRP A 293 23.97 33.97 -46.14
C TRP A 293 25.14 33.18 -46.69
N ASN A 294 26.13 32.93 -45.82
CA ASN A 294 27.35 32.27 -46.23
C ASN A 294 27.23 30.75 -46.39
N HIS A 295 26.04 30.18 -46.14
CA HIS A 295 25.78 28.74 -46.27
C HIS A 295 26.73 27.87 -45.44
N ARG A 296 27.39 28.42 -44.43
CA ARG A 296 28.24 27.57 -43.59
C ARG A 296 27.40 26.69 -42.67
N HIS A 297 27.73 25.39 -42.64
CA HIS A 297 27.00 24.36 -41.91
C HIS A 297 25.67 24.02 -42.58
N HIS A 298 25.64 24.01 -43.91
CA HIS A 298 24.46 23.51 -44.62
C HIS A 298 24.48 21.97 -44.66
N HIS A 299 23.31 21.37 -44.86
CA HIS A 299 23.21 19.91 -44.93
C HIS A 299 23.94 19.29 -46.17
N ILE B 1 14.99 -1.12 -27.28
CA ILE B 1 14.54 -0.32 -26.15
C ILE B 1 14.73 1.16 -26.46
N GLN B 2 15.90 1.50 -27.01
CA GLN B 2 16.22 2.88 -27.33
C GLN B 2 15.80 3.24 -28.75
N LYS B 3 15.54 4.52 -28.95
CA LYS B 3 15.21 5.08 -30.26
C LYS B 3 16.05 6.33 -30.45
N THR B 4 16.69 6.46 -31.62
CA THR B 4 17.53 7.63 -31.81
C THR B 4 16.67 8.87 -32.12
N PRO B 5 17.03 10.05 -31.61
CA PRO B 5 16.17 11.23 -31.75
C PRO B 5 16.42 11.97 -33.05
N GLN B 6 15.34 12.32 -33.73
CA GLN B 6 15.38 13.18 -34.90
C GLN B 6 15.29 14.63 -34.45
N ILE B 7 15.93 15.53 -35.23
CA ILE B 7 15.98 16.96 -34.89
C ILE B 7 15.64 17.80 -36.12
N GLN B 8 14.76 18.79 -35.97
CA GLN B 8 14.41 19.68 -37.07
C GLN B 8 14.46 21.13 -36.61
N VAL B 9 15.10 21.97 -37.43
CA VAL B 9 15.40 23.33 -37.05
C VAL B 9 14.85 24.23 -38.14
N TYR B 10 13.90 25.09 -37.80
CA TYR B 10 13.21 25.90 -38.78
C TYR B 10 12.64 27.14 -38.12
N SER B 11 12.50 28.20 -38.90
CA SER B 11 12.08 29.49 -38.38
C SER B 11 10.56 29.59 -38.39
N ARG B 12 10.05 30.48 -37.54
CA ARG B 12 8.62 30.75 -37.46
C ARG B 12 8.14 31.58 -38.65
N HIS B 13 8.84 32.66 -38.94
CA HIS B 13 8.51 33.55 -40.04
C HIS B 13 9.56 33.51 -41.14
N PRO B 14 9.22 33.96 -42.35
CA PRO B 14 10.22 34.17 -43.41
C PRO B 14 11.46 34.82 -42.86
N PRO B 15 12.63 34.25 -43.15
CA PRO B 15 13.90 34.87 -42.72
C PRO B 15 14.23 36.11 -43.55
N GLU B 16 14.51 37.19 -42.84
CA GLU B 16 15.01 38.41 -43.43
C GLU B 16 16.18 38.85 -42.57
N ASN B 17 17.37 38.95 -43.19
CA ASN B 17 18.56 39.30 -42.42
C ASN B 17 18.33 40.60 -41.65
N GLY B 18 18.65 40.56 -40.36
CA GLY B 18 18.48 41.68 -39.47
C GLY B 18 17.07 41.86 -38.92
N LYS B 19 16.03 41.09 -39.44
CA LYS B 19 14.68 41.15 -38.88
C LYS B 19 14.49 40.08 -37.79
N PRO B 20 14.02 40.46 -36.61
CA PRO B 20 13.78 39.47 -35.53
C PRO B 20 12.77 38.40 -35.89
N ASN B 21 13.01 37.21 -35.35
CA ASN B 21 12.24 36.01 -35.68
C ASN B 21 12.28 35.05 -34.49
N ILE B 22 11.81 33.83 -34.72
CA ILE B 22 11.74 32.78 -33.71
C ILE B 22 12.23 31.49 -34.35
N LEU B 23 13.20 30.83 -33.72
CA LEU B 23 13.84 29.66 -34.31
C LEU B 23 13.40 28.43 -33.51
N ASN B 24 12.79 27.44 -34.18
CA ASN B 24 12.23 26.31 -33.48
C ASN B 24 13.16 25.09 -33.60
N CYS B 25 13.25 24.33 -32.52
CA CYS B 25 13.95 23.05 -32.53
C CYS B 25 12.99 21.97 -32.04
N TYR B 26 12.58 21.09 -32.94
CA TYR B 26 11.52 20.11 -32.69
C TYR B 26 12.12 18.71 -32.72
N VAL B 27 12.32 18.13 -31.55
CA VAL B 27 13.00 16.85 -31.41
C VAL B 27 11.97 15.76 -31.21
N THR B 28 12.12 14.66 -31.93
CA THR B 28 11.08 13.64 -32.01
C THR B 28 11.72 12.27 -32.06
N GLN B 29 10.89 11.24 -31.82
CA GLN B 29 11.19 9.84 -32.16
C GLN B 29 12.25 9.22 -31.27
N PHE B 30 12.34 9.67 -30.01
CA PHE B 30 13.35 9.22 -29.08
C PHE B 30 12.72 8.55 -27.87
N HIS B 31 13.49 7.63 -27.29
CA HIS B 31 13.09 6.84 -26.15
C HIS B 31 14.39 6.31 -25.56
N PRO B 32 14.59 6.45 -24.24
CA PRO B 32 13.63 6.94 -23.23
C PRO B 32 13.34 8.44 -23.21
N PRO B 33 12.30 8.85 -22.50
CA PRO B 33 11.90 10.25 -22.57
C PRO B 33 12.91 11.25 -22.00
N HIS B 34 14.08 10.87 -21.49
CA HIS B 34 14.92 11.87 -20.82
C HIS B 34 15.93 12.47 -21.81
N ILE B 35 16.03 13.81 -21.82
CA ILE B 35 16.73 14.49 -22.89
C ILE B 35 17.12 15.88 -22.42
N GLU B 36 18.33 16.29 -22.78
CA GLU B 36 18.82 17.65 -22.63
C GLU B 36 18.85 18.30 -24.00
N ILE B 37 18.36 19.54 -24.10
CA ILE B 37 18.37 20.29 -25.35
C ILE B 37 18.95 21.68 -25.13
N GLN B 38 19.91 22.06 -25.98
CA GLN B 38 20.36 23.45 -26.05
C GLN B 38 20.22 24.00 -27.46
N MET B 39 20.10 25.33 -27.55
CA MET B 39 20.08 26.04 -28.81
C MET B 39 21.21 27.04 -28.79
N LEU B 40 21.96 27.10 -29.90
CA LEU B 40 23.24 27.79 -29.89
C LEU B 40 23.33 28.88 -30.96
N LYS B 41 23.93 29.99 -30.59
CA LYS B 41 24.26 31.08 -31.49
C LYS B 41 25.78 31.16 -31.50
N ASN B 42 26.39 30.96 -32.68
CA ASN B 42 27.84 31.06 -32.89
C ASN B 42 28.64 30.19 -31.92
N GLY B 43 28.03 29.08 -31.45
CA GLY B 43 28.71 28.10 -30.65
C GLY B 43 28.43 28.21 -29.16
N LYS B 44 28.09 29.41 -28.69
CA LYS B 44 27.66 29.60 -27.31
C LYS B 44 26.17 29.27 -27.18
N LYS B 45 25.75 28.92 -25.97
CA LYS B 45 24.36 28.53 -25.76
C LYS B 45 23.47 29.76 -25.55
N ILE B 46 22.30 29.75 -26.18
CA ILE B 46 21.31 30.78 -25.94
C ILE B 46 20.65 30.52 -24.59
N PRO B 47 20.56 31.52 -23.71
CA PRO B 47 20.06 31.25 -22.34
C PRO B 47 18.55 31.37 -22.22
N LYS B 48 17.97 32.24 -23.05
CA LYS B 48 16.54 32.54 -23.02
C LYS B 48 15.80 31.61 -23.98
N VAL B 49 15.83 30.32 -23.65
CA VAL B 49 15.28 29.26 -24.48
C VAL B 49 14.11 28.64 -23.75
N GLU B 50 12.92 28.71 -24.35
CA GLU B 50 11.71 28.18 -23.75
C GLU B 50 11.38 26.83 -24.35
N MET B 51 10.82 25.95 -23.52
CA MET B 51 10.53 24.60 -23.95
C MET B 51 9.10 24.23 -23.63
N SER B 52 8.44 23.57 -24.58
CA SER B 52 7.09 23.07 -24.40
C SER B 52 7.09 21.92 -23.38
N ASP B 53 5.94 21.28 -23.23
CA ASP B 53 5.85 20.10 -22.38
C ASP B 53 6.15 18.88 -23.22
N MET B 54 7.01 18.00 -22.71
CA MET B 54 7.16 16.70 -23.34
C MET B 54 5.78 16.06 -23.56
N SER B 55 5.66 15.32 -24.65
CA SER B 55 4.41 14.67 -25.00
C SER B 55 4.78 13.43 -25.79
N PHE B 56 3.79 12.80 -26.42
CA PHE B 56 4.06 11.67 -27.30
C PHE B 56 2.86 11.47 -28.22
N SER B 57 3.06 10.65 -29.24
CA SER B 57 2.14 10.54 -30.37
C SER B 57 1.38 9.22 -30.33
N LYS B 58 0.41 9.10 -31.24
CA LYS B 58 -0.45 7.92 -31.41
C LYS B 58 0.35 6.63 -31.56
N ASP B 59 1.67 6.74 -31.67
CA ASP B 59 2.57 5.60 -31.74
C ASP B 59 3.62 5.64 -30.63
N TRP B 60 3.33 6.33 -29.53
CA TRP B 60 4.12 6.23 -28.29
C TRP B 60 5.53 6.77 -28.46
N SER B 61 5.74 7.67 -29.42
CA SER B 61 7.05 8.29 -29.62
C SER B 61 7.03 9.67 -29.02
N PHE B 62 8.08 10.02 -28.28
CA PHE B 62 8.06 11.28 -27.56
C PHE B 62 8.41 12.44 -28.48
N TYR B 63 8.13 13.65 -27.99
CA TYR B 63 8.47 14.85 -28.74
C TYR B 63 8.43 16.04 -27.80
N ILE B 64 9.04 17.15 -28.25
CA ILE B 64 9.26 18.32 -27.42
C ILE B 64 9.70 19.44 -28.35
N LEU B 65 9.29 20.68 -28.06
CA LEU B 65 9.50 21.83 -28.95
C LEU B 65 10.21 22.95 -28.20
N ALA B 66 11.44 23.23 -28.59
CA ALA B 66 12.19 24.37 -28.08
C ALA B 66 12.03 25.55 -29.02
N HIS B 67 12.29 26.77 -28.50
CA HIS B 67 12.32 27.96 -29.33
C HIS B 67 12.92 29.12 -28.54
N THR B 68 13.48 30.09 -29.28
CA THR B 68 13.90 31.34 -28.68
C THR B 68 13.79 32.45 -29.73
N GLU B 69 13.62 33.67 -29.22
CA GLU B 69 13.79 34.86 -30.04
C GLU B 69 15.20 34.86 -30.61
N PHE B 70 15.33 35.26 -31.87
CA PHE B 70 16.64 35.34 -32.52
C PHE B 70 16.49 36.18 -33.78
N THR B 71 17.59 36.76 -34.24
CA THR B 71 17.52 37.48 -35.52
C THR B 71 18.52 36.92 -36.52
N PRO B 72 18.07 36.39 -37.67
CA PRO B 72 19.00 35.84 -38.66
C PRO B 72 19.80 36.90 -39.36
N THR B 73 21.06 36.59 -39.63
CA THR B 73 21.99 37.47 -40.32
C THR B 73 22.68 36.71 -41.45
N GLU B 74 23.54 37.41 -42.20
CA GLU B 74 24.24 36.75 -43.31
C GLU B 74 25.31 35.78 -42.83
N THR B 75 25.79 35.89 -41.58
CA THR B 75 26.95 35.11 -41.15
C THR B 75 26.90 34.49 -39.75
N ASP B 76 25.96 34.86 -38.88
CA ASP B 76 25.86 34.24 -37.56
C ASP B 76 25.33 32.82 -37.70
N THR B 77 25.82 31.91 -36.86
CA THR B 77 25.42 30.51 -36.94
C THR B 77 24.38 30.17 -35.88
N TYR B 78 23.39 29.37 -36.27
CA TYR B 78 22.41 28.85 -35.31
C TYR B 78 22.26 27.34 -35.39
N ALA B 79 22.23 26.70 -34.22
CA ALA B 79 22.20 25.25 -34.13
C ALA B 79 21.42 24.81 -32.90
N CYS B 80 20.83 23.62 -33.02
CA CYS B 80 20.23 22.94 -31.90
C CYS B 80 21.09 21.73 -31.53
N ARG B 81 21.40 21.58 -30.23
CA ARG B 81 22.31 20.54 -29.72
C ARG B 81 21.56 19.66 -28.75
N VAL B 82 21.57 18.33 -28.98
CA VAL B 82 20.73 17.41 -28.20
C VAL B 82 21.58 16.28 -27.58
N LYS B 83 21.40 16.04 -26.27
CA LYS B 83 22.15 15.02 -25.53
C LYS B 83 21.17 13.97 -25.07
N HIS B 84 21.38 12.73 -25.53
CA HIS B 84 20.44 11.66 -25.24
C HIS B 84 21.22 10.36 -25.13
N ALA B 85 20.61 9.41 -24.42
CA ALA B 85 21.28 8.15 -24.12
C ALA B 85 21.58 7.35 -25.38
N SER B 86 20.74 7.45 -26.40
CA SER B 86 20.93 6.64 -27.60
C SER B 86 22.18 6.99 -28.40
N MET B 87 22.88 8.08 -28.08
CA MET B 87 24.06 8.53 -28.80
C MET B 87 25.23 8.68 -27.84
N ALA B 88 26.41 8.29 -28.29
CA ALA B 88 27.59 8.42 -27.44
C ALA B 88 27.92 9.88 -27.20
N GLU B 89 27.92 10.69 -28.26
CA GLU B 89 28.13 12.13 -28.18
C GLU B 89 26.89 12.89 -28.65
N PRO B 90 26.62 14.06 -28.06
CA PRO B 90 25.42 14.80 -28.45
C PRO B 90 25.43 15.22 -29.92
N LYS B 91 24.24 15.29 -30.50
CA LYS B 91 24.05 15.59 -31.92
C LYS B 91 23.81 17.07 -32.07
N THR B 92 24.62 17.74 -32.88
CA THR B 92 24.42 19.15 -33.21
C THR B 92 23.88 19.27 -34.62
N VAL B 93 22.76 19.96 -34.77
CA VAL B 93 22.18 20.20 -36.07
C VAL B 93 22.00 21.69 -36.27
N TYR B 94 22.68 22.24 -37.29
CA TYR B 94 22.62 23.66 -37.55
C TYR B 94 21.36 24.04 -38.31
N TRP B 95 20.93 25.27 -38.12
CA TRP B 95 19.78 25.78 -38.85
C TRP B 95 20.15 26.16 -40.28
N ASP B 96 19.46 25.58 -41.27
CA ASP B 96 19.65 25.88 -42.69
C ASP B 96 18.36 26.49 -43.24
N ARG B 97 18.30 27.81 -43.36
CA ARG B 97 17.18 28.53 -43.98
C ARG B 97 16.63 27.90 -45.25
N ASP B 98 17.49 27.28 -46.05
CA ASP B 98 17.13 26.90 -47.41
C ASP B 98 16.48 25.54 -47.49
N MET B 99 16.83 24.65 -46.55
CA MET B 99 16.13 23.38 -46.39
C MET B 99 14.66 23.67 -46.10
N THR C 1 -1.12 4.34 14.57
CA THR C 1 -1.00 5.75 14.24
C THR C 1 -1.85 6.10 13.01
N GLN C 2 -2.09 5.10 12.15
CA GLN C 2 -2.99 5.28 11.00
C GLN C 2 -4.26 4.43 11.07
N VAL C 3 -4.36 3.49 11.99
CA VAL C 3 -5.63 2.89 12.42
C VAL C 3 -5.72 2.99 13.93
N GLU C 4 -6.85 3.46 14.43
CA GLU C 4 -6.98 3.78 15.84
C GLU C 4 -8.29 3.24 16.38
N GLN C 5 -8.22 2.37 17.40
CA GLN C 5 -9.42 1.82 18.00
C GLN C 5 -9.74 2.51 19.32
N SER C 6 -11.01 2.42 19.69
CA SER C 6 -11.56 3.19 20.79
C SER C 6 -12.87 2.51 21.24
N PRO C 7 -13.05 2.27 22.55
CA PRO C 7 -12.22 2.54 23.72
C PRO C 7 -10.94 1.73 23.65
N GLN C 8 -9.97 1.98 24.53
CA GLN C 8 -8.86 1.04 24.57
C GLN C 8 -9.21 -0.19 25.39
N SER C 9 -10.04 -0.05 26.43
CA SER C 9 -10.53 -1.21 27.16
C SER C 9 -12.01 -1.00 27.47
N LEU C 10 -12.84 -2.04 27.27
CA LEU C 10 -14.26 -1.95 27.60
C LEU C 10 -14.75 -3.14 28.42
N VAL C 11 -15.42 -2.86 29.55
CA VAL C 11 -16.08 -3.88 30.36
C VAL C 11 -17.59 -3.73 30.20
N VAL C 12 -18.28 -4.87 30.09
CA VAL C 12 -19.74 -4.89 30.04
C VAL C 12 -20.28 -6.09 30.82
N ARG C 13 -21.52 -5.95 31.27
CA ARG C 13 -22.17 -7.03 31.97
C ARG C 13 -22.77 -8.01 30.97
N GLN C 14 -22.69 -9.31 31.31
CA GLN C 14 -23.15 -10.36 30.41
C GLN C 14 -24.58 -10.09 29.93
N GLY C 15 -24.82 -10.43 28.66
CA GLY C 15 -26.14 -10.32 28.09
C GLY C 15 -26.45 -9.00 27.45
N GLU C 16 -25.69 -7.95 27.74
CA GLU C 16 -25.92 -6.63 27.14
C GLU C 16 -25.16 -6.50 25.81
N ASN C 17 -25.41 -5.40 25.10
CA ASN C 17 -24.66 -5.17 23.88
C ASN C 17 -23.42 -4.32 24.17
N SER C 18 -22.51 -4.33 23.20
CA SER C 18 -21.29 -3.55 23.29
C SER C 18 -20.89 -3.06 21.90
N VAL C 19 -20.36 -1.84 21.86
CA VAL C 19 -20.01 -1.17 20.61
C VAL C 19 -18.55 -0.81 20.66
N LEU C 20 -17.84 -1.10 19.57
CA LEU C 20 -16.41 -0.92 19.43
C LEU C 20 -16.13 -0.14 18.15
N GLN C 21 -15.29 0.90 18.24
CA GLN C 21 -15.10 1.89 17.19
C GLN C 21 -13.75 1.78 16.50
N CYS C 22 -13.73 2.02 15.19
CA CYS C 22 -12.50 2.07 14.40
C CYS C 22 -12.47 3.35 13.58
N ASN C 23 -11.46 4.17 13.81
CA ASN C 23 -11.23 5.37 13.02
C ASN C 23 -9.87 5.26 12.37
N TYR C 24 -9.77 5.59 11.08
CA TYR C 24 -8.52 5.39 10.34
C TYR C 24 -8.25 6.56 9.39
N SER C 25 -6.99 6.67 8.95
CA SER C 25 -6.62 7.69 7.98
C SER C 25 -5.94 7.10 6.74
N VAL C 26 -6.07 5.79 6.54
CA VAL C 26 -5.53 5.11 5.37
C VAL C 26 -6.09 5.68 4.07
N THR C 27 -5.22 5.98 3.13
CA THR C 27 -5.64 6.35 1.76
C THR C 27 -4.82 5.59 0.71
N PRO C 28 -5.50 4.95 -0.24
CA PRO C 28 -6.96 4.75 -0.32
C PRO C 28 -7.50 3.61 0.60
N ASP C 29 -8.78 3.71 1.00
CA ASP C 29 -9.39 2.84 2.00
C ASP C 29 -10.29 1.84 1.27
N ASN C 30 -9.73 0.68 0.92
CA ASN C 30 -10.47 -0.28 0.09
C ASN C 30 -11.43 -1.13 0.92
N HIS C 31 -10.96 -1.68 2.03
CA HIS C 31 -11.79 -2.56 2.82
C HIS C 31 -11.31 -2.58 4.26
N LEU C 32 -12.23 -2.97 5.15
CA LEU C 32 -12.09 -2.90 6.60
C LEU C 32 -12.47 -4.26 7.19
N ARG C 33 -11.52 -4.92 7.80
CA ARG C 33 -11.82 -6.23 8.39
C ARG C 33 -11.77 -6.11 9.91
N TRP C 34 -12.60 -6.89 10.58
CA TRP C 34 -12.59 -6.99 12.04
C TRP C 34 -12.14 -8.37 12.46
N PHE C 35 -11.17 -8.43 13.36
CA PHE C 35 -10.69 -9.69 13.92
C PHE C 35 -11.07 -9.81 15.39
N LYS C 36 -11.35 -11.04 15.82
CA LYS C 36 -11.40 -11.41 17.23
C LYS C 36 -10.17 -12.24 17.57
N GLN C 37 -9.48 -11.89 18.66
CA GLN C 37 -8.29 -12.64 19.09
C GLN C 37 -8.36 -13.00 20.59
N ASP C 38 -8.56 -14.28 20.89
CA ASP C 38 -8.44 -14.75 22.26
C ASP C 38 -6.99 -14.70 22.69
N THR C 39 -6.75 -14.58 24.00
CA THR C 39 -5.38 -14.45 24.48
C THR C 39 -4.56 -15.67 24.10
N GLY C 40 -3.36 -15.42 23.59
CA GLY C 40 -2.49 -16.48 23.09
C GLY C 40 -2.85 -16.98 21.71
N LYS C 41 -4.14 -17.03 21.39
CA LYS C 41 -4.59 -17.55 20.10
C LYS C 41 -4.24 -16.56 18.97
N GLY C 42 -4.65 -16.93 17.76
CA GLY C 42 -4.44 -16.11 16.60
C GLY C 42 -5.63 -15.21 16.31
N LEU C 43 -5.90 -15.00 15.02
CA LEU C 43 -6.87 -14.03 14.53
C LEU C 43 -7.99 -14.73 13.77
N VAL C 44 -9.15 -14.82 14.40
CA VAL C 44 -10.37 -15.25 13.75
C VAL C 44 -11.00 -14.02 13.13
N SER C 45 -11.16 -14.02 11.82
CA SER C 45 -11.94 -12.99 11.17
C SER C 45 -13.40 -13.12 11.61
N LEU C 46 -14.09 -11.98 11.70
CA LEU C 46 -15.52 -11.98 11.95
C LEU C 46 -16.33 -11.46 10.77
N THR C 47 -15.90 -10.34 10.18
CA THR C 47 -16.67 -9.71 9.12
C THR C 47 -15.74 -8.76 8.38
N VAL C 48 -16.17 -8.37 7.17
CA VAL C 48 -15.41 -7.50 6.27
C VAL C 48 -16.37 -6.63 5.48
N LEU C 49 -16.15 -5.32 5.50
CA LEU C 49 -17.00 -4.37 4.78
C LEU C 49 -16.17 -3.71 3.68
N VAL C 50 -16.81 -3.45 2.52
CA VAL C 50 -16.06 -2.98 1.33
C VAL C 50 -16.69 -1.75 0.64
N ASP C 51 -18.01 -1.62 0.65
CA ASP C 51 -18.67 -0.50 -0.01
C ASP C 51 -18.32 0.82 0.69
N GLN C 52 -18.74 1.93 0.06
CA GLN C 52 -18.49 3.25 0.65
C GLN C 52 -19.37 3.48 1.88
N LYS C 53 -20.51 2.80 1.98
CA LYS C 53 -21.42 2.90 3.12
C LYS C 53 -22.08 1.54 3.27
N ASP C 54 -21.65 0.79 4.30
CA ASP C 54 -21.86 -0.65 4.37
C ASP C 54 -22.38 -1.07 5.75
N LYS C 55 -23.24 -2.09 5.74
CA LYS C 55 -23.64 -2.82 6.93
C LYS C 55 -23.46 -4.31 6.63
N THR C 56 -22.82 -5.05 7.54
CA THR C 56 -22.76 -6.50 7.42
C THR C 56 -23.23 -7.17 8.69
N SER C 57 -23.31 -8.50 8.63
CA SER C 57 -23.82 -9.28 9.75
C SER C 57 -23.28 -10.70 9.71
N ASN C 58 -22.87 -11.21 10.87
CA ASN C 58 -22.65 -12.64 11.06
C ASN C 58 -23.19 -13.04 12.42
N GLY C 59 -24.42 -13.53 12.44
CA GLY C 59 -25.04 -13.96 13.68
C GLY C 59 -25.19 -12.85 14.68
N ARG C 60 -24.41 -12.92 15.75
CA ARG C 60 -24.50 -11.97 16.85
C ARG C 60 -23.60 -10.76 16.65
N TYR C 61 -22.78 -10.76 15.60
CA TYR C 61 -21.92 -9.63 15.26
C TYR C 61 -22.52 -8.85 14.09
N SER C 62 -22.48 -7.53 14.19
CA SER C 62 -22.88 -6.68 13.09
C SER C 62 -21.97 -5.45 13.04
N ALA C 63 -21.74 -4.92 11.83
CA ALA C 63 -20.78 -3.86 11.67
C ALA C 63 -21.22 -2.85 10.63
N THR C 64 -20.91 -1.58 10.90
CA THR C 64 -21.03 -0.50 9.95
C THR C 64 -19.66 -0.10 9.43
N LEU C 65 -19.63 0.43 8.21
CA LEU C 65 -18.47 1.11 7.65
C LEU C 65 -18.96 2.35 6.91
N ASP C 66 -18.49 3.53 7.29
CA ASP C 66 -18.75 4.75 6.52
C ASP C 66 -17.39 5.28 6.04
N LYS C 67 -17.07 5.04 4.77
CA LYS C 67 -15.79 5.46 4.20
C LYS C 67 -15.65 6.96 4.12
N ASP C 68 -16.75 7.72 4.17
CA ASP C 68 -16.64 9.17 4.16
C ASP C 68 -15.99 9.68 5.43
N ALA C 69 -16.50 9.24 6.58
CA ALA C 69 -15.90 9.56 7.87
C ALA C 69 -14.69 8.68 8.20
N LYS C 70 -14.38 7.69 7.36
CA LYS C 70 -13.35 6.68 7.61
C LYS C 70 -13.50 6.09 9.02
N HIS C 71 -14.63 5.42 9.23
CA HIS C 71 -15.09 5.03 10.56
C HIS C 71 -15.94 3.77 10.46
N SER C 72 -15.68 2.83 11.35
CA SER C 72 -16.45 1.61 11.44
C SER C 72 -16.82 1.36 12.89
N THR C 73 -17.95 0.68 13.12
CA THR C 73 -18.33 0.24 14.44
C THR C 73 -18.64 -1.25 14.40
N LEU C 74 -18.21 -1.97 15.43
CA LEU C 74 -18.55 -3.39 15.60
C LEU C 74 -19.48 -3.52 16.80
N HIS C 75 -20.69 -4.04 16.57
CA HIS C 75 -21.69 -4.27 17.62
C HIS C 75 -21.79 -5.77 17.91
N ILE C 76 -21.70 -6.12 19.19
CA ILE C 76 -21.95 -7.48 19.67
C ILE C 76 -23.28 -7.47 20.41
N THR C 77 -24.25 -8.25 19.94
CA THR C 77 -25.55 -8.32 20.57
C THR C 77 -25.52 -9.40 21.64
N ALA C 78 -26.00 -9.05 22.84
CA ALA C 78 -26.03 -9.99 23.96
C ALA C 78 -24.68 -10.67 24.15
N THR C 79 -23.75 -9.99 24.79
CA THR C 79 -22.44 -10.58 25.02
C THR C 79 -22.56 -11.82 25.89
N LEU C 80 -21.93 -12.90 25.45
CA LEU C 80 -21.62 -14.07 26.25
C LEU C 80 -20.26 -13.85 26.92
N LEU C 81 -19.90 -14.77 27.83
CA LEU C 81 -18.59 -14.63 28.47
C LEU C 81 -17.45 -15.16 27.60
N ASP C 82 -17.73 -16.04 26.63
CA ASP C 82 -16.72 -16.42 25.66
C ASP C 82 -16.23 -15.22 24.85
N ASP C 83 -17.00 -14.15 24.82
CA ASP C 83 -16.73 -13.00 23.96
C ASP C 83 -15.61 -12.08 24.46
N THR C 84 -15.03 -12.34 25.63
CA THR C 84 -13.94 -11.45 26.06
C THR C 84 -12.69 -11.80 25.25
N ALA C 85 -12.15 -10.80 24.56
CA ALA C 85 -11.00 -10.92 23.68
C ALA C 85 -10.52 -9.51 23.38
N THR C 86 -9.42 -9.42 22.63
CA THR C 86 -9.09 -8.20 21.89
C THR C 86 -9.80 -8.25 20.55
N TYR C 87 -10.47 -7.17 20.19
CA TYR C 87 -11.03 -7.02 18.86
C TYR C 87 -10.18 -6.05 18.06
N ILE C 88 -9.77 -6.48 16.86
CA ILE C 88 -8.74 -5.83 16.07
C ILE C 88 -9.34 -5.36 14.76
N CYS C 89 -9.04 -4.11 14.41
CA CYS C 89 -9.58 -3.46 13.22
C CYS C 89 -8.50 -3.30 12.15
N VAL C 90 -8.77 -3.78 10.94
CA VAL C 90 -7.74 -3.82 9.89
C VAL C 90 -8.25 -3.19 8.60
N VAL C 91 -7.46 -2.29 8.04
CA VAL C 91 -7.78 -1.60 6.79
C VAL C 91 -6.73 -1.98 5.75
N GLY C 92 -7.19 -2.42 4.59
CA GLY C 92 -6.31 -2.72 3.46
C GLY C 92 -6.44 -1.65 2.39
N ASP C 93 -5.31 -1.19 1.89
CA ASP C 93 -5.37 -0.04 0.99
C ASP C 93 -5.53 -0.41 -0.50
N ARG C 94 -5.58 -1.69 -0.85
CA ARG C 94 -5.91 -2.11 -2.21
C ARG C 94 -6.93 -3.24 -2.18
N GLY C 95 -7.58 -3.43 -3.33
CA GLY C 95 -8.45 -4.57 -3.56
C GLY C 95 -7.75 -5.78 -4.14
N SER C 96 -6.47 -5.95 -3.81
CA SER C 96 -5.58 -6.93 -4.47
C SER C 96 -4.28 -7.08 -3.67
N ALA C 97 -3.52 -8.12 -4.03
CA ALA C 97 -2.29 -8.45 -3.30
C ALA C 97 -1.28 -7.32 -3.27
N LEU C 98 -1.38 -6.34 -4.17
CA LEU C 98 -0.53 -5.16 -4.04
C LEU C 98 -0.82 -4.35 -2.78
N GLY C 99 -1.88 -4.71 -2.03
CA GLY C 99 -2.25 -3.93 -0.86
C GLY C 99 -1.34 -4.17 0.32
N ARG C 100 -1.32 -3.18 1.21
CA ARG C 100 -0.76 -3.33 2.53
C ARG C 100 -1.89 -3.31 3.55
N LEU C 101 -1.76 -4.10 4.61
CA LEU C 101 -2.76 -4.09 5.66
C LEU C 101 -2.33 -3.11 6.74
N HIS C 102 -3.32 -2.42 7.33
CA HIS C 102 -3.09 -1.48 8.41
C HIS C 102 -3.90 -1.91 9.63
N PHE C 103 -3.22 -2.19 10.74
CA PHE C 103 -3.81 -2.85 11.90
C PHE C 103 -4.09 -1.87 13.04
N GLY C 104 -5.25 -2.01 13.66
CA GLY C 104 -5.49 -1.35 14.93
C GLY C 104 -4.63 -1.95 16.03
N ALA C 105 -4.47 -1.21 17.12
CA ALA C 105 -3.82 -1.82 18.29
C ALA C 105 -4.80 -2.63 19.14
N GLY C 106 -6.03 -2.81 18.67
CA GLY C 106 -7.01 -3.61 19.36
C GLY C 106 -7.74 -2.85 20.45
N THR C 107 -8.92 -3.36 20.77
CA THR C 107 -9.68 -3.00 21.97
C THR C 107 -9.87 -4.25 22.85
N GLN C 108 -9.74 -4.06 24.16
CA GLN C 108 -9.82 -5.18 25.11
C GLN C 108 -11.26 -5.31 25.64
N LEU C 109 -11.97 -6.36 25.25
CA LEU C 109 -13.33 -6.56 25.75
C LEU C 109 -13.33 -7.47 26.98
N ILE C 110 -14.00 -7.02 28.05
CA ILE C 110 -14.13 -7.78 29.30
C ILE C 110 -15.61 -7.96 29.64
N VAL C 111 -16.11 -9.19 29.53
CA VAL C 111 -17.51 -9.49 29.86
C VAL C 111 -17.55 -10.04 31.28
N ILE C 112 -18.32 -9.38 32.14
CA ILE C 112 -18.38 -9.73 33.56
C ILE C 112 -19.73 -10.32 33.93
N PRO C 113 -19.78 -11.29 34.85
CA PRO C 113 -21.03 -12.00 35.09
C PRO C 113 -21.88 -11.26 36.10
N ASP C 114 -23.18 -11.47 36.01
CA ASP C 114 -24.07 -10.94 37.02
C ASP C 114 -24.10 -11.92 38.20
N ILE C 115 -23.61 -11.47 39.35
CA ILE C 115 -23.59 -12.28 40.56
C ILE C 115 -24.87 -12.00 41.36
N GLN C 116 -25.79 -12.95 41.35
CA GLN C 116 -27.14 -12.68 41.86
C GLN C 116 -27.13 -12.45 43.38
N ASN C 117 -26.56 -13.38 44.15
CA ASN C 117 -26.51 -13.27 45.61
C ASN C 117 -25.05 -13.31 46.03
N PRO C 118 -24.35 -12.18 45.97
CA PRO C 118 -22.95 -12.17 46.40
C PRO C 118 -22.82 -12.65 47.84
N ASP C 119 -21.73 -13.36 48.10
CA ASP C 119 -21.48 -14.01 49.39
C ASP C 119 -19.99 -13.85 49.70
N PRO C 120 -19.52 -12.62 49.82
CA PRO C 120 -18.08 -12.37 49.83
C PRO C 120 -17.39 -12.92 51.08
N ALA C 121 -16.17 -13.44 50.90
CA ALA C 121 -15.44 -14.05 52.00
C ALA C 121 -13.99 -14.29 51.62
N VAL C 122 -13.11 -14.33 52.63
CA VAL C 122 -11.69 -14.62 52.41
C VAL C 122 -11.32 -15.83 53.27
N TYR C 123 -11.16 -16.98 52.61
CA TYR C 123 -10.76 -18.23 53.19
C TYR C 123 -9.24 -18.42 53.15
N GLN C 124 -8.72 -19.16 54.13
CA GLN C 124 -7.33 -19.58 54.14
C GLN C 124 -7.21 -21.04 53.72
N LEU C 125 -6.34 -21.33 52.77
CA LEU C 125 -6.12 -22.69 52.25
C LEU C 125 -4.73 -23.18 52.64
N ARG C 126 -4.60 -24.47 52.94
CA ARG C 126 -3.31 -25.03 53.33
C ARG C 126 -2.78 -25.96 52.23
N ASP C 127 -1.47 -25.91 51.99
CA ASP C 127 -0.82 -26.86 51.09
C ASP C 127 -1.17 -28.31 51.47
N SER C 128 -1.36 -29.17 50.47
CA SER C 128 -1.56 -30.60 50.75
C SER C 128 -0.32 -31.18 51.41
N LYS C 129 0.85 -30.92 50.82
CA LYS C 129 2.11 -31.23 51.46
C LYS C 129 2.22 -30.44 52.75
N SER C 130 2.84 -31.04 53.78
CA SER C 130 2.99 -30.37 55.08
C SER C 130 4.17 -29.42 54.98
N SER C 131 3.88 -28.24 54.45
CA SER C 131 4.88 -27.23 54.17
C SER C 131 4.68 -25.98 55.00
N ASP C 132 3.62 -25.93 55.81
CA ASP C 132 3.20 -24.72 56.52
C ASP C 132 2.83 -23.58 55.54
N LYS C 133 2.89 -23.84 54.24
CA LYS C 133 2.62 -22.84 53.22
C LYS C 133 1.12 -22.64 53.05
N SER C 134 0.76 -21.44 52.59
CA SER C 134 -0.63 -21.03 52.73
C SER C 134 -0.98 -19.94 51.71
N VAL C 135 -2.19 -20.03 51.14
CA VAL C 135 -2.73 -19.00 50.27
C VAL C 135 -4.07 -18.52 50.81
N CYS C 136 -4.33 -17.25 50.53
CA CYS C 136 -5.54 -16.52 50.89
C CYS C 136 -6.47 -16.46 49.67
N LEU C 137 -7.75 -16.86 49.82
CA LEU C 137 -8.70 -16.91 48.71
C LEU C 137 -9.89 -15.96 48.93
N PHE C 138 -9.92 -14.82 48.22
CA PHE C 138 -11.07 -13.91 48.23
C PHE C 138 -12.09 -14.40 47.21
N THR C 139 -13.29 -14.76 47.64
CA THR C 139 -14.22 -15.37 46.70
C THR C 139 -15.64 -14.88 46.90
N ASP C 140 -16.44 -15.11 45.87
CA ASP C 140 -17.90 -14.86 45.82
C ASP C 140 -18.27 -13.39 46.04
N PHE C 141 -17.43 -12.47 45.59
CA PHE C 141 -17.82 -11.06 45.67
C PHE C 141 -18.58 -10.66 44.42
N ASP C 142 -19.27 -9.52 44.52
CA ASP C 142 -19.97 -8.89 43.40
C ASP C 142 -18.97 -8.51 42.31
N SER C 143 -19.46 -8.37 41.08
CA SER C 143 -18.52 -8.13 39.98
C SER C 143 -17.99 -6.69 39.98
N GLN C 144 -18.80 -5.71 40.39
CA GLN C 144 -18.37 -4.31 40.40
C GLN C 144 -17.17 -4.07 41.31
N THR C 145 -16.72 -5.13 41.99
CA THR C 145 -15.59 -5.07 42.92
C THR C 145 -14.27 -5.29 42.17
N ASN C 146 -13.35 -4.33 42.32
CA ASN C 146 -12.01 -4.45 41.73
C ASN C 146 -11.03 -4.87 42.81
N VAL C 147 -10.18 -5.84 42.47
CA VAL C 147 -9.13 -6.30 43.38
C VAL C 147 -7.79 -5.67 42.97
N SER C 148 -7.20 -4.93 43.90
CA SER C 148 -6.02 -4.11 43.70
C SER C 148 -4.75 -4.91 43.98
N GLN C 149 -3.63 -4.42 43.45
CA GLN C 149 -2.37 -5.11 43.65
C GLN C 149 -1.77 -4.75 45.00
N SER C 150 -0.46 -4.80 45.11
CA SER C 150 0.21 -4.97 46.39
C SER C 150 0.80 -3.66 46.92
N LYS C 151 0.41 -3.28 48.13
CA LYS C 151 1.18 -2.29 48.88
C LYS C 151 2.57 -2.82 49.19
N ASP C 152 2.64 -4.04 49.71
CA ASP C 152 3.88 -4.69 50.11
C ASP C 152 4.42 -5.53 48.95
N SER C 153 5.69 -5.33 48.59
CA SER C 153 6.25 -6.05 47.45
C SER C 153 6.56 -7.51 47.76
N ASP C 154 6.17 -8.01 48.93
CA ASP C 154 6.34 -9.41 49.28
C ASP C 154 5.02 -10.14 49.49
N VAL C 155 3.88 -9.43 49.41
CA VAL C 155 2.58 -10.06 49.19
C VAL C 155 2.39 -10.19 47.69
N TYR C 156 1.70 -11.24 47.27
CA TYR C 156 1.37 -11.42 45.86
C TYR C 156 -0.13 -11.64 45.72
N ILE C 157 -0.71 -11.00 44.69
CA ILE C 157 -2.16 -10.92 44.55
C ILE C 157 -2.52 -11.08 43.08
N THR C 158 -3.20 -12.16 42.73
CA THR C 158 -3.64 -12.34 41.36
C THR C 158 -4.78 -11.36 41.05
N ASP C 159 -5.28 -11.43 39.82
CA ASP C 159 -6.42 -10.62 39.44
C ASP C 159 -7.66 -11.47 39.58
N LYS C 160 -8.82 -10.82 39.55
CA LYS C 160 -10.06 -11.57 39.70
C LYS C 160 -10.27 -12.46 38.47
N CYS C 161 -10.71 -13.67 38.73
CA CYS C 161 -10.99 -14.70 37.73
C CYS C 161 -12.44 -15.17 37.96
N VAL C 162 -13.13 -15.58 36.90
CA VAL C 162 -14.52 -16.03 36.97
C VAL C 162 -14.63 -17.49 36.57
N LEU C 163 -15.14 -18.33 37.46
CA LEU C 163 -15.36 -19.73 37.14
C LEU C 163 -16.85 -20.02 36.98
N ASP C 164 -17.17 -21.09 36.27
CA ASP C 164 -18.55 -21.46 36.02
C ASP C 164 -18.72 -22.95 36.28
N MET C 165 -19.52 -23.29 37.29
CA MET C 165 -19.88 -24.68 37.56
C MET C 165 -21.17 -24.94 36.77
N ARG C 166 -20.97 -25.29 35.50
CA ARG C 166 -22.11 -25.45 34.58
C ARG C 166 -23.18 -26.39 35.11
N SER C 167 -22.80 -27.43 35.84
CA SER C 167 -23.79 -28.41 36.28
C SER C 167 -24.77 -27.81 37.27
N MET C 168 -24.36 -26.80 38.03
CA MET C 168 -25.22 -26.13 38.99
C MET C 168 -25.68 -24.76 38.53
N ASP C 169 -25.32 -24.36 37.31
CA ASP C 169 -25.52 -23.03 36.75
C ASP C 169 -25.24 -21.94 37.78
N PHE C 170 -23.98 -21.91 38.22
CA PHE C 170 -23.54 -21.00 39.26
C PHE C 170 -22.13 -20.50 38.96
N LYS C 171 -21.95 -19.20 38.99
CA LYS C 171 -20.67 -18.59 38.72
C LYS C 171 -20.22 -17.73 39.89
N SER C 172 -18.89 -17.58 40.04
CA SER C 172 -18.32 -16.83 41.14
C SER C 172 -17.01 -16.19 40.70
N ASN C 173 -16.69 -15.06 41.34
CA ASN C 173 -15.39 -14.42 41.19
C ASN C 173 -14.46 -14.88 42.30
N SER C 174 -13.15 -14.74 42.07
CA SER C 174 -12.15 -15.10 43.07
C SER C 174 -10.81 -14.50 42.69
N ALA C 175 -9.95 -14.39 43.70
CA ALA C 175 -8.60 -13.88 43.56
C ALA C 175 -7.77 -14.46 44.70
N VAL C 176 -6.66 -15.13 44.37
CA VAL C 176 -5.79 -15.70 45.40
C VAL C 176 -4.75 -14.67 45.80
N ALA C 177 -4.35 -14.72 47.07
CA ALA C 177 -3.26 -13.90 47.61
C ALA C 177 -2.40 -14.73 48.54
N TRP C 178 -1.09 -14.55 48.45
CA TRP C 178 -0.20 -15.32 49.32
C TRP C 178 1.06 -14.52 49.58
N SER C 179 1.79 -14.94 50.61
CA SER C 179 3.05 -14.33 50.95
C SER C 179 3.92 -15.35 51.65
N ASN C 180 5.20 -15.06 51.71
CA ASN C 180 6.13 -15.89 52.46
C ASN C 180 6.52 -15.26 53.78
N LYS C 181 6.04 -14.05 54.06
CA LYS C 181 6.40 -13.32 55.26
C LYS C 181 5.76 -13.98 56.49
N SER C 182 6.00 -13.37 57.66
CA SER C 182 5.54 -13.88 58.95
C SER C 182 4.31 -13.14 59.47
N ASP C 183 4.35 -11.80 59.48
CA ASP C 183 3.22 -10.98 59.92
C ASP C 183 2.23 -10.80 58.76
N PHE C 184 1.55 -11.90 58.42
CA PHE C 184 0.66 -11.94 57.26
C PHE C 184 -0.53 -12.82 57.55
N ALA C 185 -1.72 -12.21 57.63
CA ALA C 185 -2.98 -12.91 57.90
C ALA C 185 -3.94 -12.64 56.77
N CYS C 186 -4.72 -13.66 56.40
CA CYS C 186 -5.69 -13.48 55.33
C CYS C 186 -6.70 -12.36 55.64
N ALA C 187 -6.96 -12.12 56.92
CA ALA C 187 -7.97 -11.13 57.32
C ALA C 187 -7.71 -9.78 56.70
N ASN C 188 -6.45 -9.40 56.61
CA ASN C 188 -6.08 -8.16 55.96
C ASN C 188 -4.97 -8.42 54.96
N ALA C 189 -5.28 -9.20 53.95
CA ALA C 189 -4.39 -9.41 52.83
C ALA C 189 -4.88 -8.70 51.59
N PHE C 190 -6.11 -8.18 51.62
CA PHE C 190 -6.64 -7.36 50.53
C PHE C 190 -6.96 -5.92 50.98
N ASN C 191 -6.32 -5.47 52.08
CA ASN C 191 -6.17 -4.09 52.54
C ASN C 191 -6.45 -3.01 51.52
N ASN C 192 -5.98 -3.27 50.33
CA ASN C 192 -5.87 -2.25 49.32
C ASN C 192 -7.02 -2.33 48.34
N SER C 193 -8.04 -3.14 48.62
CA SER C 193 -9.22 -3.17 47.76
C SER C 193 -10.42 -2.59 48.47
N ILE C 194 -11.48 -2.36 47.70
CA ILE C 194 -12.76 -1.87 48.21
C ILE C 194 -13.58 -3.11 48.57
N ILE C 195 -13.52 -3.50 49.84
CA ILE C 195 -14.02 -4.80 50.29
C ILE C 195 -15.41 -4.62 50.89
N PRO C 196 -16.40 -5.41 50.49
CA PRO C 196 -17.76 -5.28 51.05
C PRO C 196 -17.79 -5.40 52.57
N GLU C 197 -18.75 -4.69 53.17
CA GLU C 197 -18.85 -4.63 54.63
C GLU C 197 -19.07 -6.01 55.23
N ASP C 198 -20.01 -6.77 54.65
CA ASP C 198 -20.43 -8.08 55.13
C ASP C 198 -19.51 -9.21 54.67
N THR C 199 -18.23 -8.94 54.52
CA THR C 199 -17.30 -9.96 54.03
C THR C 199 -16.96 -10.88 55.18
N PHE C 200 -17.00 -12.18 54.91
CA PHE C 200 -16.90 -13.21 55.94
C PHE C 200 -15.43 -13.62 56.09
N PHE C 201 -14.79 -13.14 57.16
CA PHE C 201 -13.42 -13.58 57.47
C PHE C 201 -13.43 -14.58 58.60
N PRO C 202 -13.44 -15.86 58.27
CA PRO C 202 -13.42 -16.88 59.34
C PRO C 202 -12.15 -16.77 60.16
N SER C 203 -12.31 -16.64 61.47
CA SER C 203 -11.12 -16.61 62.33
C SER C 203 -10.49 -17.99 62.36
N PRO C 204 -9.15 -18.10 62.25
CA PRO C 204 -8.42 -19.35 62.49
C PRO C 204 -8.29 -19.68 63.99
N ALA D 4 -5.04 -24.07 5.49
CA ALA D 4 -4.39 -24.04 6.80
C ALA D 4 -2.93 -23.56 6.70
N VAL D 5 -2.55 -22.70 7.63
CA VAL D 5 -1.20 -22.16 7.73
C VAL D 5 -0.58 -22.61 9.05
N THR D 6 0.63 -23.16 8.99
CA THR D 6 1.26 -23.69 10.19
C THR D 6 2.61 -23.03 10.44
N GLN D 7 2.97 -22.88 11.72
CA GLN D 7 4.22 -22.28 12.15
C GLN D 7 5.01 -23.24 13.01
N SER D 8 6.30 -22.94 13.16
CA SER D 8 7.25 -23.81 13.85
C SER D 8 8.57 -23.08 14.11
N PRO D 9 9.08 -23.13 15.36
CA PRO D 9 8.41 -23.72 16.53
C PRO D 9 7.29 -22.81 16.94
N ARG D 10 6.59 -23.11 18.03
CA ARG D 10 5.52 -22.23 18.45
C ARG D 10 5.84 -21.51 19.74
N ASN D 11 6.85 -21.97 20.48
CA ASN D 11 7.46 -21.24 21.58
C ASN D 11 8.95 -21.49 21.48
N LYS D 12 9.76 -20.43 21.57
CA LYS D 12 11.19 -20.57 21.45
C LYS D 12 11.85 -19.67 22.47
N VAL D 13 12.85 -20.20 23.17
CA VAL D 13 13.74 -19.41 24.00
C VAL D 13 15.09 -19.31 23.28
N ALA D 14 15.49 -18.10 22.91
CA ALA D 14 16.78 -17.86 22.30
C ALA D 14 17.64 -17.02 23.23
N VAL D 15 18.93 -17.02 22.99
CA VAL D 15 19.86 -16.19 23.75
C VAL D 15 20.37 -15.10 22.83
N THR D 16 20.45 -13.88 23.36
CA THR D 16 21.04 -12.75 22.65
C THR D 16 22.29 -13.21 21.93
N GLY D 17 22.39 -12.83 20.66
CA GLY D 17 23.52 -13.22 19.83
C GLY D 17 23.29 -14.46 18.97
N GLY D 18 22.37 -15.35 19.36
CA GLY D 18 22.18 -16.58 18.62
C GLY D 18 21.31 -16.40 17.38
N LYS D 19 21.43 -17.38 16.48
CA LYS D 19 20.61 -17.43 15.26
C LYS D 19 19.32 -18.18 15.55
N VAL D 20 18.19 -17.60 15.17
CA VAL D 20 16.86 -18.16 15.41
C VAL D 20 16.14 -18.24 14.09
N THR D 21 15.66 -19.42 13.73
CA THR D 21 14.94 -19.60 12.48
C THR D 21 13.48 -19.94 12.82
N LEU D 22 12.57 -19.15 12.28
CA LEU D 22 11.14 -19.39 12.38
C LEU D 22 10.59 -19.81 11.02
N SER D 23 10.16 -21.07 10.90
CA SER D 23 9.56 -21.55 9.66
C SER D 23 8.06 -21.27 9.63
N CYS D 24 7.50 -21.28 8.41
CA CYS D 24 6.06 -21.15 8.20
C CYS D 24 5.69 -21.94 6.96
N ASN D 25 4.59 -22.68 7.02
CA ASN D 25 4.25 -23.62 5.95
C ASN D 25 2.79 -23.50 5.57
N GLN D 26 2.55 -23.48 4.26
CA GLN D 26 1.22 -23.21 3.71
C GLN D 26 0.97 -24.21 2.58
N THR D 27 -0.19 -24.90 2.63
CA THR D 27 -0.54 -25.90 1.63
C THR D 27 -1.67 -25.43 0.72
N ASN D 28 -1.79 -24.13 0.49
CA ASN D 28 -2.88 -23.55 -0.28
C ASN D 28 -2.50 -23.22 -1.72
N ASN D 29 -1.23 -23.37 -2.08
CA ASN D 29 -0.66 -22.87 -3.33
C ASN D 29 -0.97 -21.38 -3.50
N HIS D 30 -0.48 -20.61 -2.54
CA HIS D 30 -0.51 -19.15 -2.60
C HIS D 30 0.88 -18.65 -2.96
N ASN D 31 0.97 -17.80 -3.99
CA ASN D 31 2.27 -17.24 -4.32
C ASN D 31 2.80 -16.37 -3.18
N ASN D 32 1.91 -15.69 -2.45
CA ASN D 32 2.30 -14.58 -1.60
C ASN D 32 2.23 -14.93 -0.11
N MET D 33 3.34 -14.73 0.59
CA MET D 33 3.44 -14.96 2.04
C MET D 33 4.01 -13.74 2.74
N TYR D 34 3.77 -13.66 4.04
CA TYR D 34 3.96 -12.47 4.86
C TYR D 34 4.43 -12.85 6.27
N TRP D 35 5.25 -12.00 6.89
CA TRP D 35 5.60 -12.14 8.30
C TRP D 35 5.33 -10.84 9.05
N TYR D 36 4.67 -10.94 10.20
CA TYR D 36 4.45 -9.81 11.08
C TYR D 36 4.96 -10.13 12.48
N ARG D 37 5.08 -9.10 13.29
CA ARG D 37 5.16 -9.27 14.73
C ARG D 37 4.12 -8.38 15.38
N GLN D 38 3.65 -8.81 16.55
CA GLN D 38 2.64 -8.13 17.36
C GLN D 38 3.22 -7.81 18.73
N ASP D 39 2.96 -6.60 19.20
CA ASP D 39 3.53 -6.14 20.44
C ASP D 39 2.49 -5.25 21.08
N THR D 40 2.34 -5.36 22.39
CA THR D 40 1.33 -4.56 23.06
C THR D 40 1.56 -3.10 22.73
N GLY D 41 0.52 -2.44 22.21
CA GLY D 41 0.64 -1.03 21.90
C GLY D 41 0.46 -0.71 20.43
N HIS D 42 1.05 -1.52 19.55
CA HIS D 42 0.75 -1.46 18.13
C HIS D 42 0.01 -2.72 17.69
N GLY D 43 -0.69 -2.62 16.56
CA GLY D 43 -1.13 -3.81 15.87
C GLY D 43 0.05 -4.52 15.22
N LEU D 44 -0.29 -5.45 14.32
CA LEU D 44 0.78 -6.21 13.67
C LEU D 44 1.57 -5.30 12.73
N ARG D 45 2.89 -5.47 12.77
CA ARG D 45 3.79 -4.70 11.93
C ARG D 45 4.50 -5.63 10.96
N LEU D 46 4.47 -5.28 9.67
CA LEU D 46 4.99 -6.16 8.62
C LEU D 46 6.52 -6.09 8.57
N ILE D 47 7.16 -7.26 8.58
CA ILE D 47 8.63 -7.31 8.62
C ILE D 47 9.18 -7.58 7.23
N HIS D 48 8.88 -8.77 6.67
CA HIS D 48 9.24 -9.18 5.32
C HIS D 48 8.02 -9.81 4.64
N TYR D 49 8.04 -9.84 3.30
CA TYR D 49 7.00 -10.50 2.50
C TYR D 49 7.64 -11.13 1.29
N SER D 50 6.79 -11.71 0.43
CA SER D 50 7.30 -12.53 -0.66
C SER D 50 6.20 -12.84 -1.68
N TYR D 51 6.49 -12.61 -2.96
CA TYR D 51 5.51 -12.76 -4.03
C TYR D 51 5.64 -14.09 -4.76
N GLY D 52 6.47 -14.98 -4.25
CA GLY D 52 6.69 -16.27 -4.86
C GLY D 52 8.03 -16.82 -4.44
N ALA D 53 8.29 -18.05 -4.84
CA ALA D 53 9.56 -18.66 -4.48
C ALA D 53 10.72 -17.86 -5.08
N GLY D 54 11.79 -17.71 -4.30
CA GLY D 54 12.97 -16.97 -4.71
C GLY D 54 12.91 -15.48 -4.44
N SER D 55 11.76 -14.94 -4.07
CA SER D 55 11.58 -13.52 -3.81
C SER D 55 11.45 -13.31 -2.31
N THR D 56 12.17 -12.34 -1.78
CA THR D 56 11.89 -11.80 -0.46
C THR D 56 12.09 -10.31 -0.54
N GLU D 57 11.19 -9.60 0.12
CA GLU D 57 11.09 -8.15 0.02
C GLU D 57 10.92 -7.56 1.41
N LYS D 58 11.56 -6.43 1.65
CA LYS D 58 11.47 -5.81 2.97
C LYS D 58 10.09 -5.21 3.18
N GLY D 59 9.60 -5.34 4.41
CA GLY D 59 8.42 -4.64 4.86
C GLY D 59 8.78 -3.33 5.51
N ASP D 60 8.01 -2.97 6.55
CA ASP D 60 8.21 -1.71 7.24
C ASP D 60 9.30 -1.78 8.32
N ILE D 61 9.43 -2.90 9.03
CA ILE D 61 10.43 -2.97 10.10
C ILE D 61 11.40 -4.13 9.90
N PRO D 62 12.12 -4.18 8.78
CA PRO D 62 12.91 -5.37 8.47
C PRO D 62 14.22 -5.45 9.23
N ASP D 63 14.74 -4.35 9.78
CA ASP D 63 16.06 -4.38 10.39
C ASP D 63 16.13 -5.43 11.50
N GLY D 64 17.19 -6.24 11.48
CA GLY D 64 17.35 -7.33 12.42
C GLY D 64 17.01 -8.71 11.87
N TYR D 65 16.34 -8.78 10.72
CA TYR D 65 15.89 -10.04 10.14
C TYR D 65 16.31 -10.15 8.69
N LYS D 66 16.69 -11.37 8.30
CA LYS D 66 16.65 -11.82 6.93
C LYS D 66 15.42 -12.71 6.72
N ALA D 67 14.91 -12.73 5.49
CA ALA D 67 13.85 -13.64 5.07
C ALA D 67 14.38 -14.61 4.02
N SER D 68 13.51 -15.51 3.58
CA SER D 68 13.93 -16.67 2.81
C SER D 68 12.73 -17.47 2.31
N ARG D 69 12.66 -17.72 1.01
CA ARG D 69 11.51 -18.39 0.40
C ARG D 69 12.01 -19.44 -0.57
N PRO D 70 12.35 -20.62 -0.07
CA PRO D 70 12.95 -21.62 -1.00
C PRO D 70 11.95 -22.37 -1.89
N SER D 71 10.71 -22.52 -1.41
CA SER D 71 9.64 -23.24 -2.08
C SER D 71 8.39 -22.37 -2.01
N GLN D 72 7.37 -22.76 -2.76
CA GLN D 72 6.08 -22.08 -2.64
C GLN D 72 5.53 -22.22 -1.23
N GLU D 73 5.73 -23.37 -0.60
CA GLU D 73 5.01 -23.62 0.65
C GLU D 73 5.74 -23.14 1.91
N ASN D 74 7.04 -22.93 1.90
CA ASN D 74 7.75 -22.59 3.13
C ASN D 74 8.30 -21.16 3.08
N PHE D 75 8.19 -20.45 4.21
CA PHE D 75 8.64 -19.07 4.36
C PHE D 75 9.29 -18.90 5.73
N SER D 76 10.55 -18.46 5.75
CA SER D 76 11.38 -18.47 6.95
C SER D 76 11.79 -17.07 7.36
N LEU D 77 11.65 -16.77 8.64
CA LEU D 77 12.16 -15.54 9.24
C LEU D 77 13.45 -15.89 9.98
N ILE D 78 14.57 -15.35 9.54
CA ILE D 78 15.86 -15.60 10.19
C ILE D 78 16.20 -14.43 11.09
N LEU D 79 16.62 -14.72 12.32
CA LEU D 79 17.19 -13.73 13.23
C LEU D 79 18.66 -14.13 13.42
N GLU D 80 19.56 -13.60 12.59
CA GLU D 80 20.93 -14.07 12.63
C GLU D 80 21.69 -13.58 13.85
N LEU D 81 21.09 -12.66 14.62
CA LEU D 81 21.75 -12.06 15.78
C LEU D 81 20.66 -11.59 16.74
N ALA D 82 20.24 -12.49 17.63
CA ALA D 82 19.03 -12.26 18.43
C ALA D 82 19.21 -11.12 19.43
N THR D 83 18.19 -10.26 19.51
CA THR D 83 18.08 -9.09 20.36
C THR D 83 16.82 -9.19 21.22
N PRO D 84 16.86 -8.75 22.49
CA PRO D 84 15.63 -8.70 23.28
C PRO D 84 14.62 -7.72 22.74
N SER D 85 15.03 -6.84 21.82
CA SER D 85 14.02 -6.07 21.12
C SER D 85 13.15 -6.98 20.27
N GLN D 86 13.70 -8.12 19.85
CA GLN D 86 13.00 -9.10 19.02
C GLN D 86 12.24 -10.15 19.81
N THR D 87 12.14 -10.01 21.13
CA THR D 87 11.13 -10.73 21.88
C THR D 87 9.78 -10.24 21.37
N SER D 88 8.91 -11.17 20.95
CA SER D 88 7.62 -10.78 20.38
C SER D 88 6.84 -12.04 20.05
N VAL D 89 5.57 -11.84 19.69
CA VAL D 89 4.76 -12.84 19.03
C VAL D 89 4.83 -12.58 17.53
N TYR D 90 5.19 -13.60 16.76
CA TYR D 90 5.43 -13.52 15.32
C TYR D 90 4.36 -14.32 14.56
N PHE D 91 3.57 -13.64 13.75
CA PHE D 91 2.52 -14.27 12.95
C PHE D 91 2.90 -14.35 11.48
N CYS D 92 2.57 -15.48 10.86
CA CYS D 92 2.67 -15.72 9.43
C CYS D 92 1.32 -15.58 8.73
N ALA D 93 1.35 -15.39 7.41
CA ALA D 93 0.14 -15.29 6.59
C ALA D 93 0.46 -15.55 5.13
N SER D 94 -0.53 -16.02 4.39
CA SER D 94 -0.36 -16.18 2.97
C SER D 94 -1.60 -15.64 2.25
N GLY D 95 -1.51 -15.55 0.94
CA GLY D 95 -2.66 -15.12 0.15
C GLY D 95 -2.39 -15.35 -1.32
N ASP D 96 -3.48 -15.43 -2.09
CA ASP D 96 -3.33 -15.45 -3.53
C ASP D 96 -3.34 -14.01 -4.08
N GLU D 97 -3.75 -13.85 -5.34
CA GLU D 97 -3.79 -12.51 -5.92
C GLU D 97 -4.77 -11.59 -5.20
N GLY D 98 -5.75 -12.15 -4.51
CA GLY D 98 -6.79 -11.33 -3.91
C GLY D 98 -6.28 -10.60 -2.69
N TYR D 99 -7.17 -9.75 -2.16
CA TYR D 99 -6.80 -8.90 -1.04
C TYR D 99 -6.75 -9.62 0.32
N THR D 100 -7.21 -10.88 0.40
CA THR D 100 -7.34 -11.56 1.68
C THR D 100 -6.09 -12.33 2.07
N GLN D 101 -5.63 -12.12 3.31
CA GLN D 101 -4.51 -12.84 3.91
C GLN D 101 -4.99 -13.79 5.01
N TYR D 102 -4.45 -15.01 5.01
CA TYR D 102 -4.87 -16.08 5.91
C TYR D 102 -3.80 -16.33 6.98
N PHE D 103 -4.09 -15.92 8.24
CA PHE D 103 -3.08 -15.88 9.30
C PHE D 103 -2.91 -17.20 10.03
N GLY D 104 -1.66 -17.49 10.38
CA GLY D 104 -1.32 -18.66 11.16
C GLY D 104 -1.54 -18.45 12.64
N PRO D 105 -1.08 -19.41 13.46
CA PRO D 105 -1.40 -19.39 14.90
C PRO D 105 -0.46 -18.59 15.77
N GLY D 106 0.70 -18.18 15.27
CA GLY D 106 1.60 -17.36 16.02
C GLY D 106 2.78 -18.15 16.55
N THR D 107 3.77 -17.40 17.03
CA THR D 107 4.96 -18.00 17.64
C THR D 107 5.44 -17.03 18.70
N ARG D 108 5.51 -17.48 19.95
CA ARG D 108 6.04 -16.65 21.02
C ARG D 108 7.54 -16.93 21.16
N LEU D 109 8.34 -15.89 20.96
CA LEU D 109 9.80 -15.95 21.10
C LEU D 109 10.25 -15.01 22.21
N LEU D 110 11.09 -15.51 23.12
CA LEU D 110 11.73 -14.69 24.14
C LEU D 110 13.23 -14.75 23.91
N VAL D 111 13.86 -13.59 23.85
CA VAL D 111 15.32 -13.48 23.77
C VAL D 111 15.80 -12.89 25.08
N LEU D 112 16.58 -13.66 25.84
CA LEU D 112 17.07 -13.27 27.15
C LEU D 112 18.60 -13.28 27.12
N GLU D 113 19.19 -12.82 28.23
CA GLU D 113 20.64 -12.62 28.27
C GLU D 113 21.37 -13.93 28.51
N ASP D 114 20.88 -14.75 29.42
CA ASP D 114 21.58 -15.96 29.82
C ASP D 114 20.55 -17.06 30.05
N LEU D 115 20.76 -18.21 29.43
CA LEU D 115 19.83 -19.31 29.70
C LEU D 115 19.96 -19.85 31.12
N LYS D 116 20.88 -19.32 31.94
CA LYS D 116 20.88 -19.61 33.38
C LYS D 116 19.62 -19.06 34.07
N ASN D 117 19.06 -17.96 33.56
CA ASN D 117 17.85 -17.39 34.15
C ASN D 117 16.60 -18.24 33.89
N VAL D 118 16.70 -19.35 33.14
CA VAL D 118 15.52 -20.16 32.84
C VAL D 118 15.27 -21.12 33.98
N PHE D 119 14.04 -21.13 34.48
CA PHE D 119 13.67 -21.97 35.59
C PHE D 119 12.31 -22.60 35.32
N PRO D 120 12.17 -23.88 35.58
CA PRO D 120 10.87 -24.51 35.49
C PRO D 120 10.03 -24.13 36.70
N PRO D 121 8.72 -24.28 36.63
CA PRO D 121 7.88 -23.98 37.80
C PRO D 121 7.90 -25.09 38.84
N GLU D 122 7.71 -24.67 40.10
CA GLU D 122 7.27 -25.53 41.18
C GLU D 122 5.75 -25.45 41.33
N VAL D 123 5.12 -26.55 41.75
CA VAL D 123 3.66 -26.57 41.79
C VAL D 123 3.18 -27.10 43.14
N ALA D 124 2.23 -26.41 43.73
CA ALA D 124 1.57 -26.90 44.95
C ALA D 124 0.07 -26.78 44.75
N VAL D 125 -0.66 -27.68 45.39
CA VAL D 125 -2.12 -27.64 45.40
C VAL D 125 -2.56 -27.31 46.83
N PHE D 126 -3.42 -26.31 46.96
CA PHE D 126 -3.93 -25.90 48.27
C PHE D 126 -5.35 -26.42 48.47
N GLU D 127 -5.61 -27.01 49.65
CA GLU D 127 -6.87 -27.71 49.90
C GLU D 127 -7.93 -26.78 50.47
N PRO D 128 -9.19 -27.01 50.07
CA PRO D 128 -10.29 -26.15 50.51
C PRO D 128 -10.38 -26.01 52.03
N SER D 129 -10.65 -24.80 52.47
CA SER D 129 -10.84 -24.57 53.89
C SER D 129 -12.14 -25.19 54.34
N GLU D 130 -12.15 -25.62 55.61
CA GLU D 130 -13.38 -26.06 56.22
C GLU D 130 -14.42 -24.97 56.24
N ALA D 131 -14.00 -23.70 56.42
CA ALA D 131 -14.96 -22.62 56.55
C ALA D 131 -15.77 -22.44 55.29
N GLU D 132 -15.14 -22.54 54.11
CA GLU D 132 -15.88 -22.45 52.86
C GLU D 132 -16.80 -23.64 52.69
N ILE D 133 -16.33 -24.81 53.11
CA ILE D 133 -17.13 -26.01 52.99
C ILE D 133 -18.38 -25.89 53.84
N SER D 134 -18.22 -25.57 55.12
CA SER D 134 -19.40 -25.59 55.98
C SER D 134 -20.40 -24.51 55.58
N HIS D 135 -19.92 -23.44 54.97
CA HIS D 135 -20.67 -22.22 54.76
C HIS D 135 -21.35 -22.15 53.40
N THR D 136 -20.63 -22.51 52.35
CA THR D 136 -21.16 -22.43 51.00
C THR D 136 -21.57 -23.78 50.44
N GLN D 137 -21.12 -24.88 51.05
CA GLN D 137 -21.37 -26.24 50.56
C GLN D 137 -20.63 -26.50 49.27
N LYS D 138 -19.65 -25.65 48.97
CA LYS D 138 -18.76 -25.79 47.84
C LYS D 138 -17.32 -25.89 48.36
N ALA D 139 -16.39 -26.25 47.47
CA ALA D 139 -15.02 -26.51 47.86
C ALA D 139 -14.07 -26.15 46.73
N THR D 140 -13.15 -25.21 46.99
CA THR D 140 -12.24 -24.66 45.98
C THR D 140 -10.82 -25.14 46.24
N LEU D 141 -10.25 -25.87 45.30
CA LEU D 141 -8.82 -26.11 45.27
C LEU D 141 -8.13 -24.95 44.58
N VAL D 142 -6.97 -24.56 45.08
CA VAL D 142 -6.15 -23.53 44.43
C VAL D 142 -4.85 -24.17 43.98
N CYS D 143 -4.45 -23.86 42.76
CA CYS D 143 -3.17 -24.29 42.20
C CYS D 143 -2.23 -23.12 42.11
N LEU D 144 -0.99 -23.33 42.54
CA LEU D 144 0.03 -22.29 42.54
C LEU D 144 1.25 -22.78 41.78
N ALA D 145 1.57 -22.09 40.68
CA ALA D 145 2.79 -22.31 39.89
C ALA D 145 3.76 -21.18 40.17
N THR D 146 4.92 -21.50 40.72
CA THR D 146 5.84 -20.51 41.28
C THR D 146 7.20 -20.57 40.61
N GLY D 147 7.80 -19.39 40.46
CA GLY D 147 9.22 -19.27 40.16
C GLY D 147 9.67 -19.78 38.81
N PHE D 148 8.81 -19.74 37.80
CA PHE D 148 9.25 -20.13 36.48
C PHE D 148 9.65 -18.92 35.62
N TYR D 149 10.56 -19.17 34.67
CA TYR D 149 10.98 -18.21 33.65
C TYR D 149 11.41 -19.03 32.43
N PRO D 150 10.87 -18.72 31.24
CA PRO D 150 9.88 -17.68 30.95
C PRO D 150 8.44 -18.13 31.13
N ASP D 151 7.48 -17.22 30.97
CA ASP D 151 6.06 -17.50 31.18
C ASP D 151 5.37 -18.18 29.99
N HIS D 152 6.01 -19.16 29.36
CA HIS D 152 5.38 -19.98 28.32
C HIS D 152 4.70 -21.18 29.00
N VAL D 153 3.47 -20.97 29.53
CA VAL D 153 2.80 -22.00 30.33
C VAL D 153 1.34 -22.21 29.93
N GLU D 154 0.90 -23.47 30.08
CA GLU D 154 -0.50 -23.87 30.03
C GLU D 154 -0.80 -24.69 31.27
N LEU D 155 -1.80 -24.28 32.05
CA LEU D 155 -2.20 -24.98 33.26
C LEU D 155 -3.55 -25.65 33.05
N SER D 156 -3.60 -26.95 33.27
CA SER D 156 -4.84 -27.70 33.23
C SER D 156 -5.11 -28.38 34.57
N TRP D 157 -6.36 -28.80 34.76
CA TRP D 157 -6.84 -29.46 35.97
C TRP D 157 -7.35 -30.84 35.63
N TRP D 158 -7.00 -31.84 36.44
CA TRP D 158 -7.26 -33.24 36.11
C TRP D 158 -7.87 -33.95 37.33
N VAL D 159 -9.12 -34.37 37.22
CA VAL D 159 -9.81 -35.08 38.31
C VAL D 159 -10.11 -36.50 37.85
N ASN D 160 -9.65 -37.48 38.65
CA ASN D 160 -9.58 -38.88 38.27
C ASN D 160 -9.06 -39.09 36.86
N GLY D 161 -8.01 -38.35 36.50
CA GLY D 161 -7.32 -38.60 35.25
C GLY D 161 -7.96 -38.07 33.99
N LYS D 162 -8.94 -37.17 34.08
CA LYS D 162 -9.52 -36.52 32.91
C LYS D 162 -9.53 -35.02 33.12
N GLU D 163 -9.08 -34.27 32.11
CA GLU D 163 -9.08 -32.81 32.19
C GLU D 163 -10.51 -32.33 32.38
N VAL D 164 -10.68 -31.25 33.14
CA VAL D 164 -11.99 -30.65 33.31
C VAL D 164 -11.86 -29.16 33.07
N HIS D 165 -12.98 -28.54 32.72
CA HIS D 165 -13.07 -27.09 32.62
C HIS D 165 -14.20 -26.50 33.44
N SER D 166 -15.18 -27.31 33.84
CA SER D 166 -16.24 -26.80 34.66
C SER D 166 -15.69 -26.52 36.05
N GLY D 167 -15.98 -25.31 36.55
CA GLY D 167 -15.49 -24.91 37.84
C GLY D 167 -14.05 -24.46 37.86
N VAL D 168 -13.38 -24.41 36.68
CA VAL D 168 -11.99 -24.03 36.57
C VAL D 168 -11.89 -22.56 36.20
N CYS D 169 -10.79 -21.95 36.63
CA CYS D 169 -10.49 -20.54 36.38
C CYS D 169 -8.99 -20.30 36.52
N THR D 170 -8.30 -19.98 35.44
CA THR D 170 -6.85 -19.73 35.48
C THR D 170 -6.53 -18.27 35.20
N ASP D 171 -5.57 -17.73 35.95
CA ASP D 171 -5.19 -16.33 35.73
C ASP D 171 -4.76 -16.13 34.28
N PRO D 172 -5.18 -15.06 33.64
CA PRO D 172 -4.92 -14.93 32.20
C PRO D 172 -3.48 -14.50 31.94
N GLN D 173 -2.89 -13.75 32.86
CA GLN D 173 -1.48 -13.42 32.76
C GLN D 173 -0.75 -13.81 34.04
N PRO D 174 0.48 -14.29 33.94
CA PRO D 174 1.31 -14.54 35.13
C PRO D 174 1.58 -13.27 35.92
N LEU D 175 2.13 -13.44 37.13
CA LEU D 175 2.49 -12.30 37.96
C LEU D 175 3.95 -12.45 38.42
N LYS D 176 4.68 -11.35 38.38
CA LYS D 176 6.13 -11.34 38.59
C LYS D 176 6.46 -11.37 40.07
N GLU D 177 7.49 -12.16 40.44
CA GLU D 177 7.82 -12.41 41.84
C GLU D 177 8.70 -11.31 42.44
N GLN D 178 9.61 -10.76 41.65
CA GLN D 178 10.37 -9.56 42.03
C GLN D 178 10.20 -8.58 40.87
N PRO D 179 9.25 -7.63 40.98
CA PRO D 179 8.94 -6.77 39.82
C PRO D 179 10.09 -5.89 39.36
N ALA D 180 11.05 -5.62 40.25
CA ALA D 180 12.23 -4.81 39.91
C ALA D 180 13.02 -5.40 38.75
N LEU D 181 13.71 -6.52 38.99
CA LEU D 181 14.53 -7.16 37.96
C LEU D 181 13.78 -7.33 36.64
N ASN D 182 14.51 -7.18 35.53
CA ASN D 182 13.93 -7.44 34.21
C ASN D 182 13.89 -8.93 33.88
N ASP D 183 14.74 -9.74 34.51
CA ASP D 183 14.80 -11.18 34.32
C ASP D 183 13.96 -11.95 35.34
N SER D 184 12.87 -11.37 35.80
CA SER D 184 12.18 -11.88 36.98
C SER D 184 11.36 -13.13 36.66
N ARG D 185 11.23 -13.99 37.67
CA ARG D 185 10.47 -15.22 37.53
C ARG D 185 9.00 -15.00 37.85
N TYR D 186 8.13 -15.77 37.19
CA TYR D 186 6.69 -15.55 37.23
C TYR D 186 6.00 -16.53 38.17
N ALA D 187 4.76 -16.19 38.53
CA ALA D 187 3.89 -17.12 39.25
C ALA D 187 2.48 -16.99 38.70
N LEU D 188 1.82 -18.15 38.57
CA LEU D 188 0.46 -18.23 38.06
C LEU D 188 -0.39 -19.03 39.05
N SER D 189 -1.71 -18.80 39.03
CA SER D 189 -2.64 -19.44 39.95
C SER D 189 -3.90 -19.86 39.21
N SER D 190 -4.55 -20.90 39.72
CA SER D 190 -5.76 -21.42 39.11
C SER D 190 -6.66 -22.03 40.18
N ARG D 191 -7.96 -22.11 39.90
CA ARG D 191 -8.94 -22.62 40.87
C ARG D 191 -9.74 -23.74 40.26
N LEU D 192 -10.09 -24.72 41.09
CA LEU D 192 -11.06 -25.75 40.75
C LEU D 192 -12.13 -25.76 41.84
N ARG D 193 -13.38 -25.64 41.43
CA ARG D 193 -14.47 -25.61 42.40
C ARG D 193 -15.40 -26.77 42.16
N VAL D 194 -15.59 -27.57 43.20
CA VAL D 194 -16.46 -28.73 43.16
C VAL D 194 -17.43 -28.64 44.33
N SER D 195 -18.43 -29.51 44.34
CA SER D 195 -19.35 -29.53 45.45
C SER D 195 -18.67 -30.12 46.69
N ALA D 196 -19.15 -29.71 47.87
CA ALA D 196 -18.56 -30.24 49.10
C ALA D 196 -18.58 -31.76 49.11
N THR D 197 -19.68 -32.39 48.62
CA THR D 197 -19.71 -33.84 48.64
C THR D 197 -18.73 -34.46 47.65
N PHE D 198 -18.46 -33.78 46.55
CA PHE D 198 -17.41 -34.29 45.66
C PHE D 198 -16.04 -34.29 46.36
N TRP D 199 -15.74 -33.24 47.13
CA TRP D 199 -14.42 -33.23 47.76
C TRP D 199 -14.35 -34.19 48.95
N GLN D 200 -15.45 -34.37 49.68
CA GLN D 200 -15.44 -35.23 50.86
C GLN D 200 -15.39 -36.72 50.54
N ASN D 201 -15.29 -37.08 49.26
CA ASN D 201 -15.24 -38.48 48.82
C ASN D 201 -13.77 -38.91 48.65
N PRO D 202 -13.26 -39.82 49.49
CA PRO D 202 -11.82 -40.10 49.47
C PRO D 202 -11.35 -40.86 48.25
N ARG D 203 -12.26 -41.34 47.41
CA ARG D 203 -11.92 -42.01 46.17
C ARG D 203 -11.76 -41.03 44.99
N ASN D 204 -11.64 -39.73 45.27
CA ASN D 204 -11.57 -38.69 44.26
C ASN D 204 -10.19 -38.02 44.24
N HIS D 205 -9.60 -37.96 43.05
CA HIS D 205 -8.20 -37.57 42.85
C HIS D 205 -8.12 -36.26 42.09
N PHE D 206 -7.34 -35.31 42.62
CA PHE D 206 -7.17 -33.99 42.01
C PHE D 206 -5.70 -33.73 41.71
N ARG D 207 -5.41 -33.40 40.46
CA ARG D 207 -4.06 -33.12 40.01
C ARG D 207 -4.04 -31.80 39.24
N CYS D 208 -3.14 -30.91 39.63
CA CYS D 208 -2.89 -29.67 38.93
C CYS D 208 -1.67 -29.84 38.03
N GLN D 209 -1.77 -29.40 36.78
CA GLN D 209 -0.76 -29.73 35.77
C GLN D 209 -0.31 -28.51 34.98
N VAL D 210 1.00 -28.32 34.90
CA VAL D 210 1.59 -27.16 34.22
C VAL D 210 2.52 -27.62 33.11
N GLN D 211 2.23 -27.16 31.89
CA GLN D 211 3.15 -27.28 30.78
C GLN D 211 4.10 -26.09 30.83
N PHE D 212 5.39 -26.38 30.80
CA PHE D 212 6.44 -25.36 30.77
C PHE D 212 7.21 -25.52 29.46
N TYR D 213 7.21 -24.45 28.65
CA TYR D 213 7.98 -24.44 27.40
C TYR D 213 9.35 -23.82 27.66
N GLY D 214 10.39 -24.63 27.52
CA GLY D 214 11.74 -24.14 27.75
C GLY D 214 12.78 -24.58 26.72
N LEU D 215 13.93 -25.03 27.20
CA LEU D 215 15.03 -25.33 26.32
C LEU D 215 14.75 -26.59 25.51
N SER D 216 15.59 -26.82 24.50
CA SER D 216 15.61 -28.09 23.77
C SER D 216 16.98 -28.75 23.96
N GLU D 217 17.13 -29.93 23.35
CA GLU D 217 18.37 -30.69 23.51
C GLU D 217 19.51 -30.06 22.72
N ASN D 218 19.20 -29.36 21.63
CA ASN D 218 20.23 -28.66 20.87
C ASN D 218 20.91 -27.58 21.71
N ASP D 219 20.21 -27.06 22.72
CA ASP D 219 20.78 -26.04 23.60
C ASP D 219 21.72 -26.69 24.61
N GLU D 220 22.95 -26.20 24.67
CA GLU D 220 23.93 -26.72 25.61
C GLU D 220 23.57 -26.32 27.03
N TRP D 221 23.91 -27.17 27.99
CA TRP D 221 23.61 -26.87 29.39
C TRP D 221 24.84 -27.05 30.25
N THR D 222 25.33 -25.94 30.80
CA THR D 222 26.58 -25.91 31.55
C THR D 222 26.38 -26.04 33.05
N GLN D 223 25.28 -25.53 33.58
CA GLN D 223 25.10 -25.39 35.01
C GLN D 223 24.89 -26.78 35.66
N ASP D 224 24.95 -26.81 36.98
CA ASP D 224 24.82 -28.06 37.73
C ASP D 224 23.39 -28.34 38.16
N ARG D 225 22.52 -27.34 38.14
CA ARG D 225 21.10 -27.61 38.29
C ARG D 225 20.58 -28.32 37.04
N ALA D 226 19.52 -29.10 37.23
CA ALA D 226 18.94 -29.90 36.14
C ALA D 226 18.53 -29.04 34.96
N LYS D 227 18.94 -29.43 33.74
CA LYS D 227 18.66 -28.69 32.50
C LYS D 227 17.17 -28.36 32.35
N PRO D 228 16.78 -27.07 32.43
CA PRO D 228 15.35 -26.72 32.37
C PRO D 228 14.72 -26.92 30.99
N VAL D 229 14.65 -28.17 30.54
CA VAL D 229 13.97 -28.49 29.29
C VAL D 229 12.46 -28.33 29.44
N THR D 230 11.78 -28.14 28.30
CA THR D 230 10.32 -28.11 28.26
C THR D 230 9.77 -29.38 28.91
N GLN D 231 8.74 -29.24 29.74
CA GLN D 231 8.38 -30.34 30.63
C GLN D 231 7.04 -30.05 31.29
N ILE D 232 6.61 -30.99 32.13
CA ILE D 232 5.30 -30.97 32.80
C ILE D 232 5.53 -31.20 34.29
N VAL D 233 5.23 -30.19 35.11
CA VAL D 233 5.26 -30.31 36.58
C VAL D 233 3.82 -30.40 37.10
N SER D 234 3.62 -31.20 38.13
CA SER D 234 2.26 -31.41 38.66
C SER D 234 2.27 -31.48 40.19
N ALA D 235 1.09 -31.30 40.76
CA ALA D 235 0.88 -31.51 42.19
C ALA D 235 -0.48 -32.16 42.40
N GLU D 236 -0.57 -33.05 43.40
CA GLU D 236 -1.73 -33.90 43.61
C GLU D 236 -2.34 -33.65 44.97
N ALA D 237 -3.68 -33.80 45.05
CA ALA D 237 -4.40 -33.86 46.32
C ALA D 237 -5.57 -34.83 46.24
N TRP D 238 -5.80 -35.56 47.33
CA TRP D 238 -6.89 -36.53 47.43
C TRP D 238 -7.99 -35.97 48.30
N GLY D 239 -9.25 -36.15 47.87
CA GLY D 239 -10.36 -35.82 48.73
C GLY D 239 -10.29 -36.53 50.07
N ARG D 240 -10.91 -35.92 51.08
CA ARG D 240 -10.91 -36.42 52.45
C ARG D 240 -12.33 -36.30 53.02
N ALA D 241 -12.70 -37.20 53.92
CA ALA D 241 -14.00 -37.10 54.55
C ALA D 241 -13.91 -36.74 56.03
N ASP D 242 -12.70 -36.75 56.59
CA ASP D 242 -12.34 -36.40 57.99
C ASP D 242 -12.66 -37.52 59.02
#